data_7AXZ
#
_entry.id   7AXZ
#
_cell.length_a   1.00
_cell.length_b   1.00
_cell.length_c   1.00
_cell.angle_alpha   90.00
_cell.angle_beta   90.00
_cell.angle_gamma   90.00
#
_symmetry.space_group_name_H-M   'P 1'
#
loop_
_entity.id
_entity.type
_entity.pdbx_description
1 polymer 'X-ray repair cross-complementing protein 6'
2 polymer 'X-ray repair cross-complementing protein 5'
#
loop_
_entity_poly.entity_id
_entity_poly.type
_entity_poly.pdbx_seq_one_letter_code
_entity_poly.pdbx_strand_id
1 'polypeptide(L)'
;MSGWESYYKTEGDEEAEEEQEENLEASGDYKYSGRDSLIFLVDASKAMFESQSEDELTPFDMSIQCIQSVYISKIISSDR
DLLAVVFYGTEKDKNSVNFKNIYVLQELDNPGAKRILELDQFKGQQGQKRFQDMMGHGSDYSLSEVLWVCANLFSDVQFK
MSHKRIMLFTNEDNPHGNDSAKASRARTKAGDLRDTGIFLDLMHLKKPGGFDISLFYRDIISIAEDEDLRVHFEESSKLE
DLLRKVRAKETRKRALSRLKLKLNKDIVISVGIYNLVQKALKPPPIKLYRETNEPVKTKTRTFNTSTGGLLLPSDTKRSQ
IYGSRQIILEKEETEELKRFDDPGLMLMGFKPLVLLKKHHYLRPSLFVYPEESLVIGSSTLFSALLIKCLEKEVAALCRY
TPRRNIPPYFVALVPQEEELDDQKIQVTPPGFQLVFLPFADDKRKMPFTEKIMATPEQVGKMKAIVEKLRFTYRSDSFEN
PVLQQHFRNLEALALDLMEPEQAVDLTLPKVEAMNKRLGSLVDEFKELVYPPDYNPEGKVTKRKHDNEGSGSKRPKVEYS
EEELKTHISKGTLGKFTVPMLKEACRAYGLKSGLKKQELLEALTKHFQD
;
A
2 'polypeptide(L)'
;MVRSGNKAAVVLCMDVGFTMSNSIPGIESPFEQAKKVITMFVQRQVFAENKDEIALVLFGTDGTDNPLSGGDQYQNITVH
RHLMLPDFDLLEDIESKIQPGSQQADFLDALIVSMDVIQHETIGKKFEKRHIEIFTDLSSRFSKSQLDIIIHSLKKCDIS
LQFFLPFSLGKEDGSGDRGDGPFRLGGHGPSFPLKGITEQQKEGLEIVKMVMISLEGEDGLDEIYSFSESLRKLCVFKKI
ERHSIHWPCRLTIGSNLSIRIAAYKSILQERVKKTWTVVDAKTLKKEDIQKETVYCLNDDDETEVLKEDIIQGFRYGSDI
VPFSKVDEEQMKYKSEGKCFSVLGFCKSSQVQRRFFMGNQVLKVFAARDDEAAAVALSSLIHALDDLDMVAIVRYAYDKR
ANPQVGVAFPHIKHNYECLVYVQLPFMEDLRQYMFSSLKNSKKYAPTEAQLNAVDALIDSMSLAKKDEKTDTLEDLFPTT
KIPNPRFQRLFQCLLHRALHPREPLPPIQQHIWNMLNPPAEVTTKSQIPLSKIKTLFPLIEAKKKDQVTAQEIFQDNHED
GPTAKKLKTEQGGAHFSVSSLAEGSVTSVGSVNPAENFRVLVKQKKASFEEASNQLINHIEQFLDTNETPYFMKSIDCIR
AFREEAIKFSEEQRFNNFLKALQEKVEIKQLNHFWEIVVQDGITLITKEEASGSSVTAEEAKKFLAPKDKPSGDTAAVFE
EGGDVDDLLDMI
;
B
#
# COMPACT_ATOMS: atom_id res chain seq x y z
N ARG A 35 -0.38 -28.79 -5.16
CA ARG A 35 0.64 -28.67 -6.19
C ARG A 35 0.01 -28.51 -7.56
N ASP A 36 0.85 -28.32 -8.58
CA ASP A 36 0.38 -28.16 -9.95
C ASP A 36 1.47 -28.62 -10.91
N SER A 37 1.11 -29.55 -11.78
CA SER A 37 2.03 -30.11 -12.75
C SER A 37 1.68 -29.58 -14.13
N LEU A 38 2.71 -29.19 -14.89
CA LEU A 38 2.51 -28.74 -16.27
C LEU A 38 3.57 -29.36 -17.15
N ILE A 39 3.17 -29.71 -18.37
CA ILE A 39 3.98 -30.49 -19.30
C ILE A 39 4.23 -29.64 -20.52
N PHE A 40 5.35 -28.94 -20.59
CA PHE A 40 5.67 -28.21 -21.80
C PHE A 40 5.87 -29.22 -22.93
N LEU A 41 4.84 -29.41 -23.75
CA LEU A 41 4.78 -30.51 -24.71
C LEU A 41 5.27 -30.05 -26.08
N VAL A 42 6.56 -29.71 -26.14
CA VAL A 42 7.09 -29.03 -27.31
C VAL A 42 6.95 -29.91 -28.55
N ASP A 43 6.77 -29.25 -29.69
CA ASP A 43 6.83 -29.89 -31.00
C ASP A 43 8.23 -29.77 -31.54
N ALA A 44 8.86 -30.91 -31.82
CA ALA A 44 10.22 -30.98 -32.33
C ALA A 44 10.27 -31.26 -33.82
N SER A 45 9.14 -31.14 -34.52
CA SER A 45 9.10 -31.41 -35.95
C SER A 45 9.98 -30.41 -36.67
N LYS A 46 10.11 -30.57 -37.98
CA LYS A 46 10.97 -29.69 -38.76
C LYS A 46 10.48 -28.26 -38.72
N ALA A 47 9.18 -28.05 -38.51
CA ALA A 47 8.61 -26.71 -38.63
C ALA A 47 9.24 -25.74 -37.63
N MET A 48 9.33 -26.15 -36.36
CA MET A 48 9.81 -25.23 -35.34
C MET A 48 11.22 -24.74 -35.60
N PHE A 49 11.99 -25.44 -36.41
CA PHE A 49 13.37 -25.07 -36.64
C PHE A 49 13.53 -24.12 -37.81
N GLU A 50 12.43 -23.64 -38.39
CA GLU A 50 12.45 -22.88 -39.63
C GLU A 50 12.18 -21.42 -39.32
N SER A 51 13.25 -20.67 -39.05
CA SER A 51 13.12 -19.23 -38.94
C SER A 51 12.59 -18.66 -40.25
N GLN A 52 11.59 -17.79 -40.17
CA GLN A 52 10.94 -17.30 -41.37
C GLN A 52 11.73 -16.15 -42.00
N SER A 53 13.03 -16.35 -42.19
CA SER A 53 13.91 -15.35 -42.78
C SER A 53 13.79 -14.00 -42.07
N GLU A 54 14.18 -13.99 -40.80
CA GLU A 54 14.05 -12.79 -39.98
C GLU A 54 15.13 -12.83 -38.90
N ASP A 55 15.32 -11.70 -38.21
CA ASP A 55 16.28 -11.65 -37.12
C ASP A 55 15.81 -12.39 -35.88
N GLU A 56 14.49 -12.51 -35.69
CA GLU A 56 13.93 -13.19 -34.55
C GLU A 56 14.43 -14.64 -34.48
N LEU A 57 14.16 -15.28 -33.35
CA LEU A 57 14.65 -16.61 -33.08
C LEU A 57 13.75 -17.65 -33.70
N THR A 58 14.35 -18.76 -34.11
CA THR A 58 13.58 -19.86 -34.66
C THR A 58 12.58 -20.35 -33.60
N PRO A 59 11.33 -20.64 -33.98
CA PRO A 59 10.29 -20.84 -32.97
C PRO A 59 10.59 -21.96 -31.97
N PHE A 60 11.34 -22.99 -32.35
CA PHE A 60 11.83 -23.89 -31.31
C PHE A 60 12.71 -23.14 -30.32
N ASP A 61 13.52 -22.19 -30.80
CA ASP A 61 14.39 -21.48 -29.88
C ASP A 61 13.62 -20.55 -28.98
N MET A 62 12.58 -19.90 -29.49
CA MET A 62 11.74 -19.12 -28.59
C MET A 62 11.12 -20.05 -27.56
N SER A 63 10.71 -21.25 -27.99
CA SER A 63 10.11 -22.18 -27.05
C SER A 63 11.07 -22.55 -25.95
N ILE A 64 12.33 -22.83 -26.28
CA ILE A 64 13.28 -23.24 -25.26
C ILE A 64 13.64 -22.07 -24.36
N GLN A 65 13.86 -20.88 -24.93
CA GLN A 65 14.14 -19.74 -24.06
C GLN A 65 12.96 -19.45 -23.16
N CYS A 66 11.74 -19.66 -23.66
CA CYS A 66 10.54 -19.46 -22.85
C CYS A 66 10.47 -20.46 -21.71
N ILE A 67 10.76 -21.74 -21.98
CA ILE A 67 10.67 -22.73 -20.92
C ILE A 67 11.78 -22.53 -19.90
N GLN A 68 12.97 -22.19 -20.35
CA GLN A 68 14.01 -21.85 -19.40
C GLN A 68 13.59 -20.66 -18.54
N SER A 69 12.90 -19.69 -19.14
CA SER A 69 12.43 -18.54 -18.38
C SER A 69 11.36 -18.94 -17.38
N VAL A 70 10.44 -19.83 -17.76
CA VAL A 70 9.42 -20.29 -16.82
C VAL A 70 10.08 -21.03 -15.66
N TYR A 71 11.08 -21.85 -15.95
CA TYR A 71 11.75 -22.59 -14.88
C TYR A 71 12.44 -21.64 -13.92
N ILE A 72 13.28 -20.74 -14.44
CA ILE A 72 13.98 -19.83 -13.55
C ILE A 72 12.97 -19.01 -12.77
N SER A 73 11.86 -18.61 -13.39
CA SER A 73 10.83 -17.88 -12.67
C SER A 73 10.26 -18.70 -11.52
N LYS A 74 9.81 -19.93 -11.82
CA LYS A 74 9.24 -20.76 -10.78
C LYS A 74 10.24 -21.09 -9.68
N ILE A 75 11.52 -20.87 -9.93
CA ILE A 75 12.51 -20.94 -8.86
C ILE A 75 12.63 -19.62 -8.11
N ILE A 76 12.36 -18.48 -8.77
CA ILE A 76 12.48 -17.20 -8.06
C ILE A 76 11.44 -17.12 -6.95
N SER A 77 10.21 -17.45 -7.27
CA SER A 77 9.13 -17.36 -6.29
C SER A 77 9.17 -18.48 -5.27
N SER A 78 10.06 -19.45 -5.44
CA SER A 78 10.16 -20.59 -4.53
C SER A 78 8.90 -21.44 -4.59
N ASP A 79 8.12 -21.30 -5.66
CA ASP A 79 6.99 -22.18 -5.85
C ASP A 79 7.47 -23.60 -6.09
N ARG A 80 6.70 -24.55 -5.57
CA ARG A 80 7.09 -25.96 -5.56
C ARG A 80 6.46 -26.75 -6.70
N ASP A 81 5.80 -26.08 -7.63
CA ASP A 81 5.06 -26.80 -8.66
C ASP A 81 6.00 -27.63 -9.53
N LEU A 82 5.42 -28.49 -10.34
CA LEU A 82 6.13 -29.50 -11.11
C LEU A 82 6.13 -29.15 -12.58
N LEU A 83 7.30 -29.24 -13.21
CA LEU A 83 7.52 -28.77 -14.56
C LEU A 83 8.19 -29.87 -15.37
N ALA A 84 7.42 -30.52 -16.25
CA ALA A 84 7.94 -31.55 -17.13
C ALA A 84 8.15 -30.95 -18.51
N VAL A 85 9.16 -31.47 -19.22
CA VAL A 85 9.44 -31.06 -20.59
C VAL A 85 9.36 -32.29 -21.48
N VAL A 86 8.56 -32.21 -22.53
CA VAL A 86 8.36 -33.34 -23.43
C VAL A 86 8.62 -32.81 -24.83
N PHE A 87 9.06 -33.69 -25.72
CA PHE A 87 9.13 -33.37 -27.13
C PHE A 87 8.39 -34.43 -27.91
N TYR A 88 7.73 -34.00 -28.98
CA TYR A 88 7.12 -34.96 -29.89
C TYR A 88 7.52 -34.64 -31.32
N GLY A 89 7.53 -35.69 -32.15
CA GLY A 89 7.94 -35.57 -33.53
C GLY A 89 9.41 -35.87 -33.79
N THR A 90 10.17 -36.30 -32.78
CA THR A 90 11.59 -36.54 -32.95
C THR A 90 11.86 -38.00 -33.31
N GLU A 91 13.13 -38.35 -33.50
CA GLU A 91 13.47 -39.73 -33.82
C GLU A 91 13.54 -40.59 -32.57
N LYS A 92 14.46 -40.28 -31.66
CA LYS A 92 14.68 -41.10 -30.48
C LYS A 92 13.46 -41.02 -29.58
N ASP A 93 13.50 -41.71 -28.44
CA ASP A 93 12.45 -41.56 -27.45
C ASP A 93 12.92 -42.16 -26.13
N LYS A 94 12.56 -41.47 -25.05
CA LYS A 94 12.94 -41.87 -23.70
C LYS A 94 11.73 -41.61 -22.80
N ASN A 95 10.86 -42.61 -22.68
CA ASN A 95 9.55 -42.39 -22.09
C ASN A 95 9.16 -43.64 -21.31
N SER A 96 7.88 -43.74 -20.98
CA SER A 96 7.38 -44.87 -20.19
C SER A 96 7.08 -46.08 -21.05
N VAL A 97 6.16 -45.92 -22.01
CA VAL A 97 5.69 -47.07 -22.79
C VAL A 97 6.48 -47.29 -24.07
N ASN A 98 7.38 -46.38 -24.43
CA ASN A 98 8.17 -46.49 -25.65
C ASN A 98 7.24 -46.58 -26.88
N PHE A 99 6.49 -45.51 -27.07
CA PHE A 99 5.83 -45.25 -28.33
C PHE A 99 6.85 -44.60 -29.26
N LYS A 100 6.43 -44.24 -30.46
CA LYS A 100 7.35 -43.76 -31.47
C LYS A 100 7.43 -42.24 -31.42
N ASN A 101 8.65 -41.71 -31.33
CA ASN A 101 8.91 -40.30 -31.58
C ASN A 101 8.35 -39.40 -30.47
N ILE A 102 8.49 -39.83 -29.22
CA ILE A 102 7.95 -39.12 -28.06
C ILE A 102 9.03 -39.16 -26.98
N TYR A 103 9.79 -38.08 -26.85
CA TYR A 103 10.96 -38.05 -25.97
C TYR A 103 10.65 -37.20 -24.73
N VAL A 104 10.50 -37.87 -23.58
CA VAL A 104 10.18 -37.21 -22.33
C VAL A 104 11.49 -36.68 -21.74
N LEU A 105 11.86 -35.45 -22.06
CA LEU A 105 13.19 -35.01 -21.73
C LEU A 105 13.36 -34.82 -20.22
N GLN A 106 12.28 -34.57 -19.50
CA GLN A 106 12.34 -34.47 -18.04
C GLN A 106 10.99 -34.90 -17.47
N GLU A 107 10.99 -35.94 -16.64
CA GLU A 107 9.75 -36.38 -16.04
C GLU A 107 9.27 -35.36 -15.01
N LEU A 108 8.08 -35.57 -14.48
CA LEU A 108 7.48 -34.61 -13.55
C LEU A 108 8.30 -34.51 -12.27
N ASP A 109 8.99 -33.38 -12.10
CA ASP A 109 9.78 -33.15 -10.90
C ASP A 109 9.99 -31.66 -10.73
N ASN A 110 10.38 -31.27 -9.53
CA ASN A 110 10.63 -29.87 -9.25
C ASN A 110 11.79 -29.38 -10.11
N PRO A 111 11.83 -28.08 -10.42
CA PRO A 111 12.97 -27.55 -11.15
C PRO A 111 14.22 -27.51 -10.30
N GLY A 112 15.37 -27.53 -10.96
CA GLY A 112 16.64 -27.43 -10.29
C GLY A 112 17.72 -26.90 -11.21
N ALA A 113 18.95 -26.75 -10.71
CA ALA A 113 20.01 -26.21 -11.55
C ALA A 113 20.25 -27.11 -12.75
N LYS A 114 20.22 -28.42 -12.55
CA LYS A 114 20.51 -29.34 -13.65
C LYS A 114 19.52 -29.20 -14.78
N ARG A 115 18.23 -29.11 -14.47
CA ARG A 115 17.23 -29.00 -15.53
C ARG A 115 17.38 -27.71 -16.30
N ILE A 116 17.64 -26.61 -15.59
CA ILE A 116 17.83 -25.33 -16.26
C ILE A 116 19.02 -25.40 -17.21
N LEU A 117 20.14 -25.98 -16.74
CA LEU A 117 21.30 -26.08 -17.63
C LEU A 117 21.02 -27.00 -18.81
N GLU A 118 20.31 -28.11 -18.58
CA GLU A 118 19.99 -29.03 -19.66
C GLU A 118 19.16 -28.34 -20.74
N LEU A 119 18.16 -27.56 -20.33
CA LEU A 119 17.39 -26.81 -21.32
C LEU A 119 18.25 -25.73 -21.95
N ASP A 120 19.18 -25.14 -21.19
CA ASP A 120 20.07 -24.14 -21.75
C ASP A 120 20.93 -24.70 -22.86
N GLN A 121 21.23 -25.99 -22.81
CA GLN A 121 22.08 -26.59 -23.83
C GLN A 121 21.47 -26.44 -25.23
N PHE A 122 20.16 -26.22 -25.30
CA PHE A 122 19.48 -26.01 -26.58
C PHE A 122 19.25 -24.54 -26.89
N LYS A 123 20.07 -23.64 -26.36
CA LYS A 123 19.92 -22.20 -26.61
C LYS A 123 20.84 -21.79 -27.75
N GLY A 124 20.30 -21.07 -28.72
CA GLY A 124 21.07 -20.55 -29.84
C GLY A 124 21.11 -21.53 -31.01
N GLN A 125 21.77 -21.09 -32.08
CA GLN A 125 21.91 -21.94 -33.25
C GLN A 125 22.65 -23.22 -32.90
N GLN A 126 23.73 -23.11 -32.14
CA GLN A 126 24.42 -24.30 -31.65
C GLN A 126 23.47 -25.16 -30.82
N GLY A 127 22.50 -24.54 -30.15
CA GLY A 127 21.52 -25.33 -29.41
C GLY A 127 20.71 -26.22 -30.33
N GLN A 128 20.19 -25.66 -31.42
CA GLN A 128 19.49 -26.47 -32.39
C GLN A 128 20.42 -27.52 -32.98
N LYS A 129 21.69 -27.16 -33.18
CA LYS A 129 22.65 -28.12 -33.71
C LYS A 129 22.77 -29.33 -32.80
N ARG A 130 23.00 -29.09 -31.51
CA ARG A 130 23.03 -30.19 -30.56
C ARG A 130 21.73 -30.97 -30.56
N PHE A 131 20.60 -30.28 -30.57
CA PHE A 131 19.32 -30.98 -30.57
C PHE A 131 19.15 -31.90 -31.76
N GLN A 132 19.56 -31.48 -32.96
CA GLN A 132 19.40 -32.29 -34.15
C GLN A 132 20.46 -33.39 -34.23
N ASP A 133 21.28 -33.53 -33.19
CA ASP A 133 22.28 -34.58 -33.13
C ASP A 133 21.81 -35.81 -32.37
N MET A 134 21.30 -35.66 -31.15
CA MET A 134 20.67 -36.75 -30.42
C MET A 134 19.15 -36.70 -30.49
N MET A 135 18.57 -35.79 -31.26
CA MET A 135 17.13 -35.74 -31.46
C MET A 135 16.90 -35.32 -32.90
N GLY A 136 16.73 -36.30 -33.78
CA GLY A 136 16.42 -35.99 -35.16
C GLY A 136 15.03 -35.41 -35.28
N HIS A 137 14.92 -34.40 -36.14
CA HIS A 137 13.65 -33.73 -36.34
C HIS A 137 12.82 -34.45 -37.39
N GLY A 138 11.64 -33.91 -37.65
CA GLY A 138 10.79 -34.38 -38.72
C GLY A 138 10.50 -35.87 -38.68
N SER A 139 9.80 -36.31 -37.63
CA SER A 139 9.38 -37.70 -37.53
C SER A 139 7.87 -37.74 -37.31
N ASP A 140 7.20 -38.61 -38.05
CA ASP A 140 5.76 -38.75 -37.95
C ASP A 140 5.36 -39.03 -36.50
N TYR A 141 4.09 -38.80 -36.19
CA TYR A 141 3.59 -38.94 -34.83
C TYR A 141 2.08 -38.99 -34.87
N SER A 142 1.48 -39.11 -33.69
CA SER A 142 0.03 -39.14 -33.53
C SER A 142 -0.30 -38.50 -32.19
N LEU A 143 -1.11 -37.45 -32.22
CA LEU A 143 -1.40 -36.71 -30.99
C LEU A 143 -2.11 -37.60 -29.98
N SER A 144 -2.84 -38.60 -30.43
CA SER A 144 -3.48 -39.51 -29.49
C SER A 144 -2.45 -40.17 -28.59
N GLU A 145 -1.40 -40.72 -29.20
CA GLU A 145 -0.38 -41.42 -28.44
C GLU A 145 0.40 -40.48 -27.53
N VAL A 146 0.74 -39.27 -28.01
CA VAL A 146 1.50 -38.37 -27.14
C VAL A 146 0.65 -37.91 -25.98
N LEU A 147 -0.62 -37.63 -26.21
CA LEU A 147 -1.51 -37.29 -25.11
C LEU A 147 -1.63 -38.45 -24.13
N TRP A 148 -1.69 -39.67 -24.63
CA TRP A 148 -1.73 -40.83 -23.74
C TRP A 148 -0.47 -40.91 -22.92
N VAL A 149 0.68 -40.61 -23.54
CA VAL A 149 1.94 -40.59 -22.82
C VAL A 149 1.88 -39.57 -21.70
N CYS A 150 1.35 -38.38 -21.98
CA CYS A 150 1.27 -37.34 -20.95
C CYS A 150 0.35 -37.77 -19.81
N ALA A 151 -0.81 -38.33 -20.16
CA ALA A 151 -1.70 -38.84 -19.13
C ALA A 151 -0.98 -39.85 -18.24
N ASN A 152 -0.13 -40.68 -18.84
CA ASN A 152 0.64 -41.63 -18.06
C ASN A 152 1.71 -40.95 -17.21
N LEU A 153 2.34 -39.88 -17.71
CA LEU A 153 3.21 -39.08 -16.87
C LEU A 153 2.48 -38.61 -15.63
N PHE A 154 1.23 -38.21 -15.79
CA PHE A 154 0.45 -37.81 -14.62
C PHE A 154 0.04 -39.01 -13.78
N SER A 155 -0.03 -40.20 -14.38
CA SER A 155 -0.48 -41.37 -13.63
C SER A 155 0.48 -41.75 -12.51
N ASP A 156 1.80 -41.72 -12.76
CA ASP A 156 2.74 -42.25 -11.76
C ASP A 156 2.77 -41.42 -10.48
N VAL A 157 2.70 -40.08 -10.60
CA VAL A 157 2.78 -39.26 -9.40
C VAL A 157 1.55 -39.46 -8.53
N GLN A 158 1.68 -39.07 -7.26
CA GLN A 158 0.65 -39.33 -6.26
C GLN A 158 0.32 -38.14 -5.39
N PHE A 159 0.98 -37.00 -5.57
CA PHE A 159 0.74 -35.83 -4.73
C PHE A 159 -0.57 -35.17 -5.12
N LYS A 160 -1.18 -34.49 -4.16
CA LYS A 160 -2.42 -33.78 -4.43
C LYS A 160 -2.12 -32.48 -5.17
N MET A 161 -2.19 -32.52 -6.50
CA MET A 161 -1.93 -31.35 -7.32
C MET A 161 -3.24 -30.75 -7.79
N SER A 162 -3.38 -29.43 -7.63
CA SER A 162 -4.63 -28.75 -7.91
C SER A 162 -4.87 -28.49 -9.40
N HIS A 163 -3.82 -28.54 -10.23
CA HIS A 163 -3.98 -28.28 -11.66
C HIS A 163 -3.01 -29.14 -12.46
N LYS A 164 -3.48 -29.60 -13.63
CA LYS A 164 -2.67 -30.40 -14.54
C LYS A 164 -2.94 -29.93 -15.95
N ARG A 165 -1.98 -29.22 -16.55
CA ARG A 165 -2.14 -28.60 -17.86
C ARG A 165 -1.01 -29.02 -18.77
N ILE A 166 -1.35 -29.38 -20.01
CA ILE A 166 -0.36 -29.73 -21.03
C ILE A 166 -0.27 -28.55 -21.98
N MET A 167 0.86 -27.86 -21.96
CA MET A 167 0.99 -26.57 -22.62
C MET A 167 1.59 -26.79 -24.00
N LEU A 168 0.77 -27.36 -24.87
CA LEU A 168 1.22 -27.78 -26.20
C LEU A 168 1.77 -26.60 -26.99
N PHE A 169 2.93 -26.79 -27.62
CA PHE A 169 3.53 -25.80 -28.52
C PHE A 169 3.47 -26.39 -29.92
N THR A 170 2.73 -25.76 -30.82
CA THR A 170 2.63 -26.22 -32.19
C THR A 170 2.38 -25.07 -33.13
N ASN A 171 3.06 -25.07 -34.28
CA ASN A 171 2.76 -24.13 -35.35
C ASN A 171 2.25 -24.87 -36.57
N GLU A 172 1.52 -25.95 -36.36
CA GLU A 172 0.92 -26.73 -37.44
C GLU A 172 -0.58 -26.77 -37.22
N ASP A 173 -1.33 -26.12 -38.12
CA ASP A 173 -2.76 -25.99 -37.93
C ASP A 173 -3.44 -27.36 -37.94
N ASN A 174 -3.07 -28.23 -38.88
CA ASN A 174 -3.72 -29.52 -39.08
C ASN A 174 -2.65 -30.59 -39.11
N PRO A 175 -2.10 -30.97 -37.94
CA PRO A 175 -1.05 -31.99 -37.93
C PRO A 175 -1.50 -33.32 -38.51
N HIS A 176 -2.80 -33.59 -38.53
CA HIS A 176 -3.35 -34.81 -39.08
C HIS A 176 -4.14 -34.52 -40.36
N GLY A 177 -3.71 -33.51 -41.11
CA GLY A 177 -4.38 -33.18 -42.34
C GLY A 177 -4.29 -34.22 -43.43
N ASN A 178 -3.45 -35.24 -43.25
CA ASN A 178 -3.28 -36.29 -44.22
C ASN A 178 -3.95 -37.60 -43.81
N ASP A 179 -4.69 -37.63 -42.70
CA ASP A 179 -5.35 -38.85 -42.28
C ASP A 179 -6.43 -38.49 -41.27
N SER A 180 -7.67 -38.92 -41.56
CA SER A 180 -8.78 -38.60 -40.67
C SER A 180 -8.75 -39.43 -39.40
N ALA A 181 -8.32 -40.70 -39.49
CA ALA A 181 -8.33 -41.56 -38.31
C ALA A 181 -7.43 -41.00 -37.21
N LYS A 182 -6.25 -40.52 -37.57
CA LYS A 182 -5.35 -39.94 -36.58
C LYS A 182 -5.99 -38.75 -35.89
N ALA A 183 -6.63 -37.86 -36.67
CA ALA A 183 -7.31 -36.72 -36.07
C ALA A 183 -8.44 -37.16 -35.17
N SER A 184 -9.20 -38.17 -35.57
CA SER A 184 -10.32 -38.64 -34.75
C SER A 184 -9.82 -39.17 -33.41
N ARG A 185 -8.79 -40.02 -33.44
CA ARG A 185 -8.25 -40.54 -32.18
C ARG A 185 -7.69 -39.42 -31.34
N ALA A 186 -7.00 -38.45 -31.95
CA ALA A 186 -6.45 -37.34 -31.18
C ALA A 186 -7.55 -36.54 -30.50
N ARG A 187 -8.63 -36.25 -31.23
CA ARG A 187 -9.74 -35.50 -30.66
C ARG A 187 -10.38 -36.26 -29.51
N THR A 188 -10.63 -37.56 -29.72
CA THR A 188 -11.23 -38.35 -28.65
C THR A 188 -10.31 -38.38 -27.43
N LYS A 189 -9.01 -38.52 -27.66
CA LYS A 189 -8.06 -38.54 -26.55
C LYS A 189 -8.10 -37.23 -25.78
N ALA A 190 -8.07 -36.11 -26.50
CA ALA A 190 -8.10 -34.81 -25.81
C ALA A 190 -9.38 -34.65 -25.03
N GLY A 191 -10.51 -35.07 -25.60
CA GLY A 191 -11.75 -35.06 -24.85
C GLY A 191 -11.66 -35.86 -23.59
N ASP A 192 -10.98 -37.01 -23.64
CA ASP A 192 -10.78 -37.81 -22.44
C ASP A 192 -9.94 -37.08 -21.42
N LEU A 193 -8.81 -36.49 -21.84
CA LEU A 193 -7.97 -35.75 -20.92
C LEU A 193 -8.75 -34.66 -20.21
N ARG A 194 -9.54 -33.89 -20.95
CA ARG A 194 -10.37 -32.90 -20.29
C ARG A 194 -11.41 -33.56 -19.40
N ASP A 195 -11.86 -34.76 -19.79
CA ASP A 195 -12.84 -35.48 -18.99
C ASP A 195 -12.29 -35.92 -17.64
N THR A 196 -10.98 -36.07 -17.52
CA THR A 196 -10.34 -36.47 -16.26
C THR A 196 -9.77 -35.29 -15.49
N GLY A 197 -10.15 -34.07 -15.84
CA GLY A 197 -9.68 -32.91 -15.12
C GLY A 197 -8.29 -32.44 -15.51
N ILE A 198 -7.85 -32.71 -16.73
CA ILE A 198 -6.60 -32.19 -17.26
C ILE A 198 -6.93 -31.14 -18.30
N PHE A 199 -6.51 -29.91 -18.04
CA PHE A 199 -6.66 -28.84 -19.01
C PHE A 199 -5.64 -29.03 -20.13
N LEU A 200 -5.99 -28.54 -21.31
CA LEU A 200 -5.20 -28.75 -22.52
C LEU A 200 -5.02 -27.41 -23.22
N ASP A 201 -4.00 -26.65 -22.81
CA ASP A 201 -3.73 -25.38 -23.45
C ASP A 201 -3.21 -25.61 -24.86
N LEU A 202 -3.10 -24.53 -25.62
CA LEU A 202 -2.53 -24.54 -26.96
C LEU A 202 -1.84 -23.21 -27.18
N MET A 203 -0.51 -23.21 -27.09
CA MET A 203 0.24 -21.97 -27.27
C MET A 203 0.85 -21.93 -28.66
N HIS A 204 -0.02 -21.89 -29.66
CA HIS A 204 0.43 -21.89 -31.04
C HIS A 204 1.41 -20.75 -31.28
N LEU A 205 2.31 -20.97 -32.24
CA LEU A 205 3.38 -20.03 -32.56
C LEU A 205 3.20 -19.51 -33.98
N LYS A 206 4.07 -18.60 -34.37
CA LYS A 206 3.90 -17.83 -35.61
C LYS A 206 4.14 -18.72 -36.82
N LYS A 207 3.05 -19.19 -37.44
CA LYS A 207 3.13 -19.95 -38.68
C LYS A 207 2.92 -19.02 -39.86
N PRO A 208 3.64 -19.18 -40.97
CA PRO A 208 3.34 -18.35 -42.14
C PRO A 208 1.92 -18.60 -42.62
N GLY A 209 1.28 -17.54 -43.11
CA GLY A 209 -0.11 -17.62 -43.51
C GLY A 209 -1.09 -17.65 -42.36
N GLY A 210 -0.70 -17.21 -41.17
CA GLY A 210 -1.57 -17.25 -40.02
C GLY A 210 -1.65 -18.63 -39.41
N PHE A 211 -2.45 -18.74 -38.36
CA PHE A 211 -2.71 -20.01 -37.69
C PHE A 211 -4.18 -20.05 -37.32
N ASP A 212 -4.98 -20.72 -38.14
CA ASP A 212 -6.41 -20.82 -37.90
C ASP A 212 -6.71 -21.94 -36.91
N ILE A 213 -6.96 -21.57 -35.66
CA ILE A 213 -7.22 -22.54 -34.61
C ILE A 213 -8.47 -23.35 -34.91
N SER A 214 -9.33 -22.85 -35.78
CA SER A 214 -10.62 -23.49 -36.04
C SER A 214 -10.49 -24.84 -36.72
N LEU A 215 -9.47 -25.07 -37.54
CA LEU A 215 -9.41 -26.31 -38.31
C LEU A 215 -9.39 -27.53 -37.40
N PHE A 216 -8.29 -27.72 -36.68
CA PHE A 216 -8.10 -28.92 -35.88
C PHE A 216 -8.22 -28.66 -34.38
N TYR A 217 -7.77 -27.51 -33.90
CA TYR A 217 -7.73 -27.23 -32.48
C TYR A 217 -8.96 -26.48 -32.00
N ARG A 218 -10.10 -26.61 -32.67
CA ARG A 218 -11.30 -25.93 -32.21
C ARG A 218 -11.75 -26.46 -30.86
N ASP A 219 -11.74 -27.78 -30.68
CA ASP A 219 -12.37 -28.42 -29.54
C ASP A 219 -11.40 -29.35 -28.83
N ILE A 220 -10.11 -28.99 -28.82
CA ILE A 220 -9.11 -29.70 -28.05
C ILE A 220 -8.82 -28.99 -26.73
N ILE A 221 -9.05 -27.68 -26.68
CA ILE A 221 -8.66 -26.87 -25.54
C ILE A 221 -9.85 -26.72 -24.60
N SER A 222 -9.61 -26.92 -23.31
CA SER A 222 -10.68 -26.88 -22.31
C SER A 222 -11.19 -25.46 -22.18
N ILE A 223 -12.37 -25.20 -22.73
CA ILE A 223 -12.97 -23.87 -22.71
C ILE A 223 -13.79 -23.76 -21.44
N ALA A 224 -13.17 -23.26 -20.36
CA ALA A 224 -13.81 -23.22 -19.05
C ALA A 224 -14.95 -22.22 -19.01
N LEU A 229 -17.08 -18.85 -26.28
CA LEU A 229 -16.61 -17.83 -25.37
C LEU A 229 -15.08 -17.78 -25.42
N ARG A 230 -14.48 -16.94 -24.57
CA ARG A 230 -13.05 -16.93 -24.32
C ARG A 230 -12.25 -16.90 -25.63
N VAL A 231 -12.40 -15.78 -26.35
CA VAL A 231 -11.67 -15.63 -27.60
C VAL A 231 -10.19 -15.83 -27.35
N HIS A 232 -9.57 -16.68 -28.17
CA HIS A 232 -8.25 -17.21 -27.87
C HIS A 232 -7.17 -16.22 -28.27
N PHE A 233 -5.95 -16.50 -27.80
CA PHE A 233 -4.86 -15.57 -27.97
C PHE A 233 -4.49 -15.40 -29.44
N GLU A 234 -3.57 -14.48 -29.68
CA GLU A 234 -2.98 -14.26 -31.00
C GLU A 234 -1.73 -15.10 -31.18
N GLU A 235 -1.36 -15.31 -32.44
CA GLU A 235 -0.14 -16.04 -32.74
C GLU A 235 1.05 -15.34 -32.10
N SER A 236 1.68 -15.99 -31.14
CA SER A 236 2.88 -15.46 -30.55
C SER A 236 3.93 -15.28 -31.63
N SER A 237 4.50 -14.08 -31.71
CA SER A 237 5.42 -13.74 -32.78
C SER A 237 6.87 -13.81 -32.35
N LYS A 238 7.20 -13.22 -31.21
CA LYS A 238 8.57 -13.19 -30.71
C LYS A 238 8.56 -13.76 -29.30
N LEU A 239 9.69 -13.64 -28.62
CA LEU A 239 9.82 -14.19 -27.28
C LEU A 239 8.78 -13.59 -26.35
N GLU A 240 8.84 -12.28 -26.13
CA GLU A 240 8.14 -11.67 -25.01
C GLU A 240 6.64 -11.95 -25.04
N ASP A 241 6.04 -11.92 -26.23
CA ASP A 241 4.62 -12.23 -26.32
C ASP A 241 4.34 -13.64 -25.79
N LEU A 242 5.11 -14.62 -26.26
CA LEU A 242 4.91 -15.97 -25.79
C LEU A 242 5.21 -16.08 -24.30
N LEU A 243 6.25 -15.40 -23.83
CA LEU A 243 6.61 -15.51 -22.43
C LEU A 243 5.50 -15.00 -21.54
N ARG A 244 4.91 -13.87 -21.89
CA ARG A 244 3.80 -13.33 -21.11
C ARG A 244 2.57 -14.20 -21.22
N LYS A 245 2.26 -14.72 -22.41
CA LYS A 245 1.11 -15.61 -22.51
C LYS A 245 1.31 -16.86 -21.65
N VAL A 246 2.51 -17.41 -21.63
CA VAL A 246 2.80 -18.57 -20.78
C VAL A 246 2.62 -18.21 -19.32
N ARG A 247 3.25 -17.12 -18.87
CA ARG A 247 3.13 -16.74 -17.48
C ARG A 247 1.70 -16.43 -17.09
N ALA A 248 0.86 -16.05 -18.04
CA ALA A 248 -0.53 -15.76 -17.76
C ALA A 248 -1.43 -16.98 -17.83
N LYS A 249 -0.98 -18.05 -18.48
CA LYS A 249 -1.76 -19.29 -18.48
C LYS A 249 -1.26 -20.34 -17.50
N GLU A 250 -0.08 -20.17 -16.88
CA GLU A 250 0.39 -21.20 -15.95
C GLU A 250 0.00 -20.88 -14.52
N THR A 251 0.22 -19.65 -14.07
CA THR A 251 -0.15 -19.28 -12.71
C THR A 251 -1.66 -19.31 -12.58
N ARG A 252 -2.13 -19.60 -11.38
CA ARG A 252 -3.56 -19.61 -11.08
C ARG A 252 -3.87 -18.68 -9.92
N LYS A 253 -4.96 -17.91 -10.07
CA LYS A 253 -5.35 -16.94 -9.08
C LYS A 253 -5.48 -17.56 -7.70
N ARG A 254 -4.83 -16.95 -6.72
CA ARG A 254 -4.95 -17.33 -5.32
C ARG A 254 -5.49 -16.12 -4.57
N ALA A 255 -6.76 -16.19 -4.17
CA ALA A 255 -7.40 -15.14 -3.39
C ALA A 255 -6.58 -14.80 -2.15
N LEU A 256 -6.01 -13.59 -2.08
CA LEU A 256 -5.32 -13.22 -0.85
C LEU A 256 -6.27 -13.23 0.32
N SER A 257 -7.56 -13.04 0.07
CA SER A 257 -8.56 -13.42 1.07
C SER A 257 -9.91 -13.44 0.40
N ARG A 258 -10.93 -13.85 1.16
CA ARG A 258 -12.31 -13.84 0.68
C ARG A 258 -13.12 -13.05 1.70
N LEU A 259 -13.81 -12.02 1.23
CA LEU A 259 -14.45 -11.05 2.11
C LEU A 259 -15.89 -10.87 1.68
N LYS A 260 -16.64 -10.12 2.48
CA LYS A 260 -17.97 -9.69 2.11
C LYS A 260 -17.96 -8.18 1.94
N LEU A 261 -18.36 -7.72 0.76
CA LEU A 261 -18.62 -6.32 0.48
C LEU A 261 -20.08 -6.06 0.79
N LYS A 262 -20.34 -5.14 1.72
CA LYS A 262 -21.67 -4.97 2.31
C LYS A 262 -22.22 -3.59 1.97
N LEU A 263 -23.37 -3.56 1.32
CA LEU A 263 -24.07 -2.31 1.08
C LEU A 263 -24.89 -1.87 2.29
N ASN A 264 -25.24 -2.78 3.19
CA ASN A 264 -26.06 -2.42 4.34
C ASN A 264 -26.07 -3.55 5.36
N LYS A 265 -27.01 -3.50 6.31
CA LYS A 265 -27.19 -4.62 7.22
C LYS A 265 -27.44 -5.92 6.50
N ASP A 266 -28.08 -5.87 5.32
CA ASP A 266 -28.57 -7.08 4.67
C ASP A 266 -27.87 -7.36 3.35
N ILE A 267 -27.90 -6.43 2.40
CA ILE A 267 -27.38 -6.71 1.06
C ILE A 267 -25.87 -6.85 1.13
N VAL A 268 -25.39 -8.09 1.07
CA VAL A 268 -23.98 -8.40 1.14
C VAL A 268 -23.63 -9.29 -0.04
N ILE A 269 -22.57 -8.93 -0.74
CA ILE A 269 -22.00 -9.77 -1.77
C ILE A 269 -20.67 -10.28 -1.26
N SER A 270 -20.20 -11.36 -1.87
CA SER A 270 -18.97 -12.02 -1.47
C SER A 270 -17.95 -11.87 -2.57
N VAL A 271 -16.80 -11.28 -2.24
CA VAL A 271 -15.76 -11.03 -3.24
C VAL A 271 -14.47 -11.67 -2.79
N GLY A 272 -13.47 -11.68 -3.67
CA GLY A 272 -12.15 -12.14 -3.34
C GLY A 272 -11.16 -11.01 -3.54
N ILE A 273 -10.26 -10.84 -2.58
CA ILE A 273 -9.24 -9.81 -2.63
C ILE A 273 -8.00 -10.52 -3.14
N TYR A 274 -7.70 -10.38 -4.43
CA TYR A 274 -6.47 -10.88 -4.99
C TYR A 274 -5.45 -9.76 -4.98
N ASN A 275 -4.28 -10.01 -4.47
CA ASN A 275 -3.22 -9.01 -4.58
C ASN A 275 -2.43 -9.30 -5.83
N LEU A 276 -2.49 -8.39 -6.78
CA LEU A 276 -1.89 -8.64 -8.07
C LEU A 276 -0.42 -8.33 -8.11
N VAL A 277 0.14 -7.72 -7.08
CA VAL A 277 1.56 -7.40 -7.04
C VAL A 277 2.03 -7.41 -5.60
N GLN A 278 3.13 -8.11 -5.31
CA GLN A 278 3.72 -8.02 -3.98
C GLN A 278 5.23 -8.21 -4.11
N LYS A 279 5.99 -7.46 -3.33
CA LYS A 279 7.44 -7.55 -3.29
C LYS A 279 7.88 -8.99 -3.14
N ALA A 280 8.56 -9.54 -4.14
CA ALA A 280 9.07 -10.90 -4.07
C ALA A 280 10.44 -10.85 -3.43
N LEU A 281 10.49 -11.07 -2.13
CA LEU A 281 11.71 -10.88 -1.38
C LEU A 281 12.68 -12.03 -1.64
N LYS A 282 13.96 -11.74 -1.46
CA LYS A 282 15.01 -12.72 -1.64
C LYS A 282 14.80 -13.83 -0.62
N PRO A 283 14.26 -14.99 -1.00
CA PRO A 283 13.72 -15.93 -0.02
C PRO A 283 14.79 -16.30 1.00
N PRO A 284 14.40 -16.47 2.26
CA PRO A 284 15.37 -16.46 3.32
C PRO A 284 16.07 -17.80 3.47
N PRO A 285 17.29 -17.80 4.01
CA PRO A 285 18.08 -19.03 4.04
C PRO A 285 17.46 -20.08 4.95
N ILE A 286 17.69 -21.34 4.62
CA ILE A 286 17.39 -22.45 5.51
C ILE A 286 18.73 -22.99 6.00
N LYS A 287 18.99 -22.84 7.30
CA LYS A 287 20.15 -23.43 7.92
C LYS A 287 19.91 -24.92 8.05
N LEU A 288 20.86 -25.73 7.59
CA LEU A 288 20.69 -27.17 7.52
C LEU A 288 21.71 -27.87 8.41
N TYR A 289 21.40 -29.13 8.72
CA TYR A 289 22.32 -29.94 9.49
C TYR A 289 23.64 -30.02 8.75
N ARG A 290 24.73 -29.79 9.48
CA ARG A 290 26.00 -29.52 8.82
C ARG A 290 26.47 -30.68 7.97
N GLU A 291 26.36 -31.90 8.47
CA GLU A 291 27.00 -33.05 7.80
C GLU A 291 26.17 -33.54 6.62
N THR A 292 24.93 -33.96 6.88
CA THR A 292 24.10 -34.61 5.87
C THR A 292 23.25 -33.63 5.08
N ASN A 293 23.21 -32.36 5.44
CA ASN A 293 22.45 -31.35 4.71
C ASN A 293 20.98 -31.76 4.61
N GLU A 294 20.33 -31.75 5.77
CA GLU A 294 18.93 -32.11 5.91
C GLU A 294 18.17 -30.94 6.51
N PRO A 295 16.88 -30.79 6.20
CA PRO A 295 16.06 -29.81 6.91
C PRO A 295 16.17 -29.97 8.42
N VAL A 296 16.00 -28.85 9.13
CA VAL A 296 16.19 -28.78 10.57
C VAL A 296 15.02 -28.02 11.17
N LYS A 297 14.84 -28.17 12.49
CA LYS A 297 13.75 -27.55 13.21
C LYS A 297 14.23 -26.36 14.03
N THR A 298 13.32 -25.41 14.26
CA THR A 298 13.57 -24.23 15.09
C THR A 298 12.37 -24.09 16.02
N LYS A 299 12.46 -24.70 17.20
CA LYS A 299 11.34 -24.72 18.13
C LYS A 299 11.14 -23.35 18.78
N THR A 300 10.00 -23.20 19.47
CA THR A 300 9.71 -22.03 20.29
C THR A 300 9.27 -22.55 21.66
N ARG A 301 10.24 -22.78 22.54
CA ARG A 301 10.00 -23.31 23.89
C ARG A 301 10.25 -22.18 24.88
N THR A 302 9.17 -21.70 25.51
CA THR A 302 9.24 -20.59 26.44
C THR A 302 8.76 -21.10 27.81
N PHE A 303 9.71 -21.41 28.67
CA PHE A 303 9.41 -21.96 29.99
C PHE A 303 9.95 -21.06 31.09
N ASN A 304 9.57 -21.38 32.33
CA ASN A 304 9.97 -20.59 33.48
C ASN A 304 11.48 -20.71 33.69
N THR A 305 12.07 -19.64 34.22
CA THR A 305 13.47 -19.67 34.63
C THR A 305 13.66 -20.31 35.99
N SER A 306 12.59 -20.76 36.63
CA SER A 306 12.66 -21.41 37.93
C SER A 306 12.29 -22.88 37.86
N THR A 307 11.10 -23.21 37.34
CA THR A 307 10.60 -24.58 37.38
C THR A 307 10.82 -25.33 36.07
N GLY A 308 10.84 -24.61 34.94
CA GLY A 308 11.12 -25.18 33.64
C GLY A 308 9.89 -25.64 32.89
N GLY A 309 8.76 -25.73 33.58
CA GLY A 309 7.51 -26.09 32.92
C GLY A 309 7.16 -25.09 31.84
N LEU A 310 6.80 -25.58 30.66
CA LEU A 310 6.43 -24.67 29.57
C LEU A 310 5.16 -23.93 29.93
N LEU A 311 5.04 -22.70 29.43
CA LEU A 311 3.98 -21.81 29.87
C LEU A 311 2.78 -21.93 28.95
N LEU A 312 1.66 -22.38 29.50
CA LEU A 312 0.40 -22.22 28.79
C LEU A 312 0.15 -20.73 28.59
N PRO A 313 -0.45 -20.32 27.47
CA PRO A 313 -0.69 -18.89 27.26
C PRO A 313 -1.54 -18.25 28.34
N SER A 314 -2.39 -19.04 29.01
CA SER A 314 -3.27 -18.51 30.04
C SER A 314 -2.52 -18.05 31.28
N ASP A 315 -1.23 -18.38 31.41
CA ASP A 315 -0.46 -18.08 32.60
C ASP A 315 0.35 -16.79 32.47
N THR A 316 0.19 -16.06 31.37
CA THR A 316 0.97 -14.86 31.11
C THR A 316 0.03 -13.73 30.72
N LYS A 317 0.28 -12.54 31.26
CA LYS A 317 -0.49 -11.36 30.97
C LYS A 317 0.39 -10.38 30.22
N ARG A 318 -0.25 -9.53 29.41
CA ARG A 318 0.44 -8.62 28.52
C ARG A 318 0.60 -7.26 29.17
N SER A 319 1.81 -6.74 29.16
CA SER A 319 2.19 -5.59 29.95
C SER A 319 2.78 -4.50 29.08
N GLN A 320 2.68 -3.26 29.54
CA GLN A 320 3.28 -2.13 28.85
C GLN A 320 3.62 -1.07 29.88
N ILE A 321 4.77 -0.42 29.74
CA ILE A 321 5.29 0.49 30.74
C ILE A 321 5.34 1.90 30.16
N TYR A 322 4.88 2.87 30.94
CA TYR A 322 4.94 4.29 30.59
C TYR A 322 5.48 5.04 31.79
N GLY A 323 6.66 5.64 31.62
CA GLY A 323 7.34 6.25 32.74
C GLY A 323 7.65 5.22 33.82
N SER A 324 7.24 5.49 35.05
CA SER A 324 7.33 4.53 36.14
C SER A 324 6.03 3.73 36.30
N ARG A 325 5.01 4.05 35.53
CA ARG A 325 3.72 3.39 35.60
C ARG A 325 3.72 2.18 34.69
N GLN A 326 2.90 1.19 35.04
CA GLN A 326 2.79 -0.03 34.25
C GLN A 326 1.32 -0.42 34.11
N ILE A 327 1.00 -1.03 32.98
CA ILE A 327 -0.36 -1.39 32.61
C ILE A 327 -0.37 -2.87 32.24
N ILE A 328 -1.27 -3.63 32.84
CA ILE A 328 -1.34 -5.07 32.69
C ILE A 328 -2.74 -5.41 32.18
N LEU A 329 -2.83 -6.22 31.13
CA LEU A 329 -4.11 -6.74 30.70
C LEU A 329 -3.91 -7.98 29.87
N GLU A 330 -4.94 -8.82 29.86
CA GLU A 330 -4.81 -10.17 29.32
C GLU A 330 -4.73 -10.13 27.80
N LYS A 331 -4.14 -11.18 27.23
CA LYS A 331 -3.89 -11.19 25.80
C LYS A 331 -5.18 -11.01 25.01
N GLU A 332 -6.27 -11.63 25.47
CA GLU A 332 -7.52 -11.41 24.76
C GLU A 332 -7.90 -9.93 24.76
N GLU A 333 -7.51 -9.19 25.79
CA GLU A 333 -7.86 -7.78 25.85
C GLU A 333 -6.72 -6.89 25.36
N THR A 334 -5.69 -7.47 24.72
CA THR A 334 -4.85 -6.70 23.83
C THR A 334 -5.10 -7.06 22.38
N GLU A 335 -5.88 -8.10 22.14
CA GLU A 335 -6.38 -8.39 20.81
C GLU A 335 -7.87 -8.18 20.72
N GLU A 336 -8.47 -7.51 21.70
CA GLU A 336 -9.82 -7.03 21.55
C GLU A 336 -9.99 -5.62 22.08
N LEU A 337 -8.92 -4.82 22.13
CA LEU A 337 -9.07 -3.38 22.10
C LEU A 337 -8.94 -2.97 20.64
N LYS A 338 -9.45 -3.83 19.75
CA LYS A 338 -9.44 -3.56 18.33
C LYS A 338 -10.76 -3.77 17.60
N ARG A 339 -11.71 -4.62 18.05
CA ARG A 339 -12.79 -4.94 17.13
C ARG A 339 -13.50 -3.66 16.74
N PHE A 340 -13.52 -3.34 15.46
CA PHE A 340 -14.43 -2.32 14.97
C PHE A 340 -15.56 -2.93 14.16
N ASP A 341 -15.22 -3.68 13.13
CA ASP A 341 -16.19 -4.29 12.25
C ASP A 341 -16.14 -5.81 12.38
N ASP A 342 -17.10 -6.44 11.75
CA ASP A 342 -16.94 -7.79 11.26
C ASP A 342 -15.77 -7.72 10.28
N PRO A 343 -15.24 -8.81 9.80
CA PRO A 343 -14.19 -8.68 8.79
C PRO A 343 -14.83 -8.48 7.43
N GLY A 344 -14.45 -7.42 6.73
CA GLY A 344 -14.90 -7.27 5.35
C GLY A 344 -14.97 -5.82 4.94
N LEU A 345 -15.19 -5.63 3.65
CA LEU A 345 -15.49 -4.34 3.06
C LEU A 345 -16.95 -3.99 3.36
N MET A 346 -17.19 -2.81 3.90
CA MET A 346 -18.55 -2.34 4.11
C MET A 346 -18.70 -0.97 3.46
N LEU A 347 -19.65 -0.86 2.55
CA LEU A 347 -19.74 0.27 1.64
C LEU A 347 -20.20 1.52 2.37
N MET A 348 -19.66 2.66 1.96
CA MET A 348 -19.98 3.90 2.66
C MET A 348 -20.28 5.09 1.76
N GLY A 349 -19.77 5.16 0.54
CA GLY A 349 -20.11 6.29 -0.29
C GLY A 349 -19.55 6.10 -1.67
N PHE A 350 -19.84 7.05 -2.56
CA PHE A 350 -19.36 6.97 -3.92
C PHE A 350 -18.72 8.31 -4.27
N LYS A 351 -17.50 8.53 -3.80
CA LYS A 351 -16.97 9.84 -4.12
C LYS A 351 -16.33 9.85 -5.49
N PRO A 352 -16.55 10.86 -6.33
CA PRO A 352 -15.99 10.81 -7.69
C PRO A 352 -14.47 10.80 -7.70
N LEU A 353 -13.92 10.16 -8.74
CA LEU A 353 -12.52 9.80 -8.76
C LEU A 353 -11.60 10.99 -8.63
N VAL A 354 -12.05 12.19 -8.97
CA VAL A 354 -11.16 13.34 -8.98
C VAL A 354 -10.61 13.62 -7.60
N LEU A 355 -11.34 13.21 -6.56
CA LEU A 355 -10.95 13.52 -5.20
C LEU A 355 -9.90 12.55 -4.68
N LEU A 356 -9.87 11.32 -5.22
CA LEU A 356 -8.85 10.33 -4.88
C LEU A 356 -7.52 10.73 -5.48
N LYS A 357 -6.70 11.46 -4.73
CA LYS A 357 -5.45 11.94 -5.29
C LYS A 357 -4.55 10.77 -5.64
N LYS A 358 -3.46 11.09 -6.33
CA LYS A 358 -2.51 10.10 -6.83
C LYS A 358 -1.29 9.95 -5.94
N HIS A 359 -0.91 10.99 -5.22
CA HIS A 359 0.18 10.89 -4.27
C HIS A 359 -0.28 10.56 -2.87
N HIS A 360 -1.56 10.28 -2.69
CA HIS A 360 -2.04 9.71 -1.43
C HIS A 360 -2.07 8.20 -1.60
N TYR A 361 -0.88 7.65 -1.49
CA TYR A 361 -0.62 6.24 -1.59
C TYR A 361 -0.04 5.79 -0.27
N LEU A 362 -0.60 4.72 0.30
CA LEU A 362 -0.24 4.24 1.62
C LEU A 362 0.53 2.93 1.60
N ARG A 363 -0.02 1.91 0.97
CA ARG A 363 0.60 0.61 0.83
C ARG A 363 0.04 -0.02 -0.44
N PRO A 364 0.75 -0.97 -1.05
CA PRO A 364 0.28 -1.57 -2.31
C PRO A 364 -1.20 -1.87 -2.38
N SER A 365 -1.80 -1.59 -3.52
CA SER A 365 -3.23 -1.76 -3.73
C SER A 365 -3.56 -3.21 -4.04
N LEU A 366 -4.78 -3.60 -3.72
CA LEU A 366 -5.25 -4.96 -3.96
C LEU A 366 -6.26 -4.92 -5.08
N PHE A 367 -6.94 -6.03 -5.32
CA PHE A 367 -7.85 -6.08 -6.44
C PHE A 367 -9.07 -6.92 -6.07
N VAL A 368 -10.25 -6.33 -6.11
CA VAL A 368 -11.47 -6.98 -5.64
C VAL A 368 -12.21 -7.52 -6.84
N TYR A 369 -12.58 -8.80 -6.78
CA TYR A 369 -13.31 -9.44 -7.88
C TYR A 369 -14.34 -10.41 -7.33
N PRO A 370 -15.55 -10.48 -7.89
CA PRO A 370 -16.60 -11.27 -7.23
C PRO A 370 -16.27 -12.75 -7.25
N GLU A 371 -16.51 -13.40 -6.11
CA GLU A 371 -16.37 -14.84 -5.96
C GLU A 371 -17.77 -15.38 -5.78
N GLU A 372 -18.43 -15.67 -6.89
CA GLU A 372 -19.83 -16.06 -6.91
C GLU A 372 -20.05 -17.48 -6.41
N SER A 373 -19.02 -18.15 -5.90
CA SER A 373 -19.21 -19.47 -5.31
C SER A 373 -20.02 -19.38 -4.02
N LEU A 374 -19.69 -18.45 -3.14
CA LEU A 374 -20.35 -18.37 -1.84
C LEU A 374 -21.78 -17.88 -1.99
N VAL A 375 -21.94 -16.67 -2.52
CA VAL A 375 -23.23 -15.98 -2.58
C VAL A 375 -23.71 -16.03 -4.02
N ILE A 376 -24.67 -16.90 -4.30
CA ILE A 376 -25.15 -17.06 -5.68
C ILE A 376 -25.78 -15.74 -6.12
N GLY A 377 -25.18 -15.11 -7.11
CA GLY A 377 -25.72 -13.89 -7.68
C GLY A 377 -24.88 -12.67 -7.39
N SER A 378 -23.78 -12.83 -6.68
CA SER A 378 -22.91 -11.69 -6.38
C SER A 378 -22.28 -11.13 -7.64
N SER A 379 -21.88 -11.98 -8.57
CA SER A 379 -21.24 -11.49 -9.79
C SER A 379 -22.14 -10.53 -10.53
N THR A 380 -23.45 -10.79 -10.55
CA THR A 380 -24.38 -9.92 -11.27
C THR A 380 -24.36 -8.51 -10.72
N LEU A 381 -24.54 -8.37 -9.40
CA LEU A 381 -24.57 -7.05 -8.81
C LEU A 381 -23.21 -6.39 -8.89
N PHE A 382 -22.14 -7.18 -8.83
CA PHE A 382 -20.82 -6.59 -9.04
C PHE A 382 -20.66 -6.04 -10.44
N SER A 383 -21.17 -6.77 -11.43
CA SER A 383 -21.12 -6.27 -12.80
C SER A 383 -21.88 -4.95 -12.91
N ALA A 384 -23.07 -4.89 -12.32
CA ALA A 384 -23.85 -3.66 -12.35
C ALA A 384 -23.07 -2.51 -11.72
N LEU A 385 -22.51 -2.74 -10.54
CA LEU A 385 -21.79 -1.67 -9.85
C LEU A 385 -20.58 -1.22 -10.64
N LEU A 386 -19.87 -2.15 -11.28
CA LEU A 386 -18.70 -1.73 -12.06
C LEU A 386 -19.13 -0.94 -13.29
N ILE A 387 -20.16 -1.41 -13.98
CA ILE A 387 -20.62 -0.72 -15.19
C ILE A 387 -20.98 0.72 -14.85
N LYS A 388 -21.79 0.91 -13.82
CA LYS A 388 -22.27 2.26 -13.55
C LYS A 388 -21.38 3.03 -12.59
N CYS A 389 -20.29 2.45 -12.11
CA CYS A 389 -19.24 3.26 -11.53
C CYS A 389 -18.33 3.79 -12.61
N LEU A 390 -18.21 3.05 -13.71
CA LEU A 390 -17.44 3.54 -14.85
C LEU A 390 -18.18 4.66 -15.57
N GLU A 391 -19.46 4.46 -15.86
CA GLU A 391 -20.20 5.47 -16.62
C GLU A 391 -20.22 6.82 -15.93
N LYS A 392 -20.07 6.86 -14.61
CA LYS A 392 -20.13 8.09 -13.84
C LYS A 392 -18.80 8.48 -13.23
N GLU A 393 -17.71 7.81 -13.58
CA GLU A 393 -16.36 8.20 -13.18
C GLU A 393 -16.24 8.32 -11.67
N VAL A 394 -16.85 7.37 -10.95
CA VAL A 394 -17.03 7.49 -9.50
C VAL A 394 -16.56 6.20 -8.83
N ALA A 395 -15.74 6.36 -7.79
CA ALA A 395 -15.18 5.27 -7.01
C ALA A 395 -16.27 4.66 -6.13
N ALA A 396 -15.85 3.95 -5.09
CA ALA A 396 -16.74 3.59 -4.00
C ALA A 396 -15.93 3.57 -2.72
N LEU A 397 -16.03 4.62 -1.91
CA LEU A 397 -15.27 4.68 -0.68
C LEU A 397 -15.89 3.73 0.32
N CYS A 398 -15.13 2.74 0.76
CA CYS A 398 -15.54 1.76 1.74
C CYS A 398 -14.55 1.74 2.90
N ARG A 399 -14.93 0.99 3.93
CA ARG A 399 -14.11 0.79 5.12
C ARG A 399 -13.79 -0.70 5.20
N TYR A 400 -12.50 -1.01 5.27
CA TYR A 400 -12.00 -2.34 5.00
C TYR A 400 -11.31 -2.86 6.26
N THR A 401 -11.77 -4.02 6.73
CA THR A 401 -11.17 -4.72 7.86
C THR A 401 -10.76 -6.11 7.39
N PRO A 402 -9.47 -6.42 7.24
CA PRO A 402 -9.10 -7.69 6.60
C PRO A 402 -9.65 -8.92 7.29
N ARG A 403 -9.45 -9.04 8.61
CA ARG A 403 -9.78 -10.23 9.37
C ARG A 403 -10.24 -9.80 10.75
N ARG A 404 -10.70 -10.76 11.56
CA ARG A 404 -11.24 -10.41 12.87
C ARG A 404 -10.18 -9.71 13.71
N ASN A 405 -10.62 -8.71 14.47
CA ASN A 405 -9.74 -8.00 15.40
C ASN A 405 -8.63 -7.26 14.66
N ILE A 406 -9.04 -6.41 13.73
CA ILE A 406 -8.13 -5.51 13.01
C ILE A 406 -8.81 -4.16 12.86
N PRO A 407 -8.13 -3.04 13.15
CA PRO A 407 -8.79 -1.74 13.05
C PRO A 407 -8.80 -1.25 11.62
N PRO A 408 -9.94 -0.80 11.10
CA PRO A 408 -10.12 -0.71 9.66
C PRO A 408 -9.31 0.42 9.06
N TYR A 409 -8.97 0.28 7.78
CA TYR A 409 -8.67 1.46 6.98
C TYR A 409 -9.84 1.87 6.14
N PHE A 410 -9.70 3.05 5.60
CA PHE A 410 -10.60 3.59 4.61
C PHE A 410 -9.96 3.29 3.28
N VAL A 411 -10.60 2.43 2.49
CA VAL A 411 -10.14 2.07 1.17
C VAL A 411 -11.15 2.60 0.19
N ALA A 412 -10.72 2.77 -1.04
CA ALA A 412 -11.57 3.30 -2.11
C ALA A 412 -11.53 2.31 -3.24
N LEU A 413 -12.67 1.72 -3.57
CA LEU A 413 -12.74 0.79 -4.69
C LEU A 413 -12.86 1.59 -5.95
N VAL A 414 -11.74 1.76 -6.65
CA VAL A 414 -11.66 2.47 -7.92
C VAL A 414 -11.99 1.49 -9.03
N PRO A 415 -12.98 1.72 -9.87
CA PRO A 415 -13.32 0.72 -10.88
C PRO A 415 -12.25 0.66 -11.94
N GLN A 416 -12.20 -0.47 -12.66
CA GLN A 416 -11.31 -0.54 -13.80
C GLN A 416 -11.76 -1.66 -14.72
N GLU A 417 -11.69 -1.39 -16.02
CA GLU A 417 -12.29 -2.21 -17.07
C GLU A 417 -11.23 -2.97 -17.84
N GLU A 418 -11.63 -4.12 -18.38
CA GLU A 418 -10.71 -5.05 -19.04
C GLU A 418 -9.94 -4.35 -20.14
N GLU A 419 -8.84 -4.98 -20.56
CA GLU A 419 -7.93 -4.37 -21.53
C GLU A 419 -7.33 -5.50 -22.37
N LEU A 420 -8.03 -5.88 -23.43
CA LEU A 420 -7.54 -6.92 -24.32
C LEU A 420 -6.49 -6.30 -25.22
N ASP A 421 -5.22 -6.53 -24.89
CA ASP A 421 -4.11 -5.87 -25.57
C ASP A 421 -4.05 -6.32 -27.03
N ASP A 422 -3.10 -5.77 -27.78
CA ASP A 422 -2.99 -6.06 -29.20
C ASP A 422 -2.75 -7.54 -29.48
N GLN A 423 -2.23 -8.30 -28.52
CA GLN A 423 -2.07 -9.74 -28.67
C GLN A 423 -3.20 -10.53 -28.04
N LYS A 424 -4.23 -9.86 -27.51
CA LYS A 424 -5.36 -10.48 -26.83
C LYS A 424 -5.01 -11.00 -25.45
N ILE A 425 -3.94 -10.49 -24.85
CA ILE A 425 -3.66 -10.75 -23.44
C ILE A 425 -4.66 -9.91 -22.67
N GLN A 426 -4.76 -10.13 -21.36
CA GLN A 426 -5.59 -9.31 -20.48
C GLN A 426 -4.66 -8.55 -19.54
N VAL A 427 -4.37 -7.29 -19.86
CA VAL A 427 -3.34 -6.55 -19.16
C VAL A 427 -3.88 -5.59 -18.11
N THR A 428 -5.17 -5.65 -17.81
CA THR A 428 -5.78 -4.79 -16.80
C THR A 428 -7.15 -5.39 -16.50
N PRO A 429 -7.23 -6.36 -15.61
CA PRO A 429 -8.40 -7.21 -15.56
C PRO A 429 -9.61 -6.48 -15.02
N PRO A 430 -10.81 -6.90 -15.37
CA PRO A 430 -12.00 -6.19 -14.90
C PRO A 430 -12.21 -6.38 -13.42
N GLY A 431 -12.59 -5.32 -12.73
CA GLY A 431 -12.92 -5.41 -11.33
C GLY A 431 -12.60 -4.11 -10.64
N PHE A 432 -12.71 -4.13 -9.32
CA PHE A 432 -12.53 -2.92 -8.53
C PHE A 432 -11.12 -2.94 -7.96
N GLN A 433 -10.23 -2.15 -8.51
CA GLN A 433 -8.99 -1.96 -7.79
C GLN A 433 -9.34 -1.44 -6.42
N LEU A 434 -8.52 -1.75 -5.43
CA LEU A 434 -8.79 -1.36 -4.05
C LEU A 434 -7.61 -0.56 -3.53
N VAL A 435 -7.86 0.70 -3.24
CA VAL A 435 -6.83 1.69 -2.95
C VAL A 435 -6.85 1.97 -1.46
N PHE A 436 -5.68 2.06 -0.83
CA PHE A 436 -5.62 2.37 0.59
C PHE A 436 -5.33 3.86 0.74
N LEU A 437 -6.26 4.58 1.37
CA LEU A 437 -6.27 6.02 1.66
C LEU A 437 -5.67 6.28 3.02
N PRO A 438 -4.69 7.17 3.15
CA PRO A 438 -4.05 7.34 4.46
C PRO A 438 -4.96 8.06 5.45
N PHE A 439 -4.55 8.08 6.71
CA PHE A 439 -5.18 8.89 7.74
C PHE A 439 -4.21 9.94 8.23
N ALA A 440 -4.75 11.03 8.75
CA ALA A 440 -3.96 12.22 9.00
C ALA A 440 -2.75 11.99 9.90
N ASP A 441 -2.62 10.84 10.55
CA ASP A 441 -1.37 10.50 11.21
C ASP A 441 -0.30 10.12 10.19
N ASP A 442 -0.73 9.50 9.09
CA ASP A 442 0.17 9.06 8.04
C ASP A 442 0.80 10.25 7.33
N LYS A 443 -0.03 11.05 6.67
CA LYS A 443 0.41 12.17 5.86
C LYS A 443 1.29 13.10 6.67
N ARG A 444 2.56 13.17 6.35
CA ARG A 444 3.46 14.07 7.05
C ARG A 444 3.47 15.43 6.37
N LYS A 445 3.84 16.45 7.14
CA LYS A 445 3.78 17.84 6.69
C LYS A 445 5.20 18.35 6.48
N MET A 446 5.50 18.77 5.26
CA MET A 446 6.86 19.09 4.86
C MET A 446 7.10 20.58 4.94
N PRO A 447 8.32 21.01 5.28
CA PRO A 447 8.62 22.43 5.24
C PRO A 447 8.53 22.93 3.80
N PHE A 448 8.76 24.22 3.62
CA PHE A 448 8.81 24.76 2.27
C PHE A 448 9.58 26.06 2.28
N THR A 449 10.24 26.32 1.16
CA THR A 449 10.83 27.62 0.86
C THR A 449 10.11 28.18 -0.36
N GLU A 450 10.14 29.51 -0.46
CA GLU A 450 9.37 30.24 -1.46
C GLU A 450 9.38 29.56 -2.83
N LYS A 451 8.20 29.26 -3.34
CA LYS A 451 8.06 28.57 -4.61
C LYS A 451 8.66 29.42 -5.72
N ILE A 452 9.83 29.04 -6.21
CA ILE A 452 10.49 29.76 -7.29
C ILE A 452 10.18 29.02 -8.59
N MET A 453 9.78 29.76 -9.61
CA MET A 453 9.41 29.19 -10.89
C MET A 453 10.32 29.75 -11.98
N ALA A 454 10.58 28.93 -12.99
CA ALA A 454 11.50 29.29 -14.06
C ALA A 454 10.75 29.96 -15.22
N THR A 455 11.50 30.78 -15.97
CA THR A 455 10.96 31.49 -17.13
C THR A 455 10.66 30.49 -18.25
N PRO A 456 9.52 30.61 -18.96
CA PRO A 456 9.17 29.59 -19.96
C PRO A 456 10.24 29.30 -21.00
N GLU A 457 11.25 30.15 -21.13
CA GLU A 457 12.41 29.81 -21.93
C GLU A 457 13.08 28.54 -21.39
N GLN A 458 13.38 28.55 -20.10
CA GLN A 458 14.01 27.39 -19.48
C GLN A 458 13.11 26.19 -19.53
N VAL A 459 11.80 26.39 -19.33
CA VAL A 459 10.86 25.29 -19.42
C VAL A 459 10.87 24.71 -20.82
N GLY A 460 11.01 25.56 -21.85
CA GLY A 460 11.09 25.04 -23.20
C GLY A 460 12.34 24.21 -23.43
N LYS A 461 13.49 24.70 -22.95
CA LYS A 461 14.71 23.94 -23.16
C LYS A 461 14.68 22.61 -22.40
N MET A 462 14.08 22.61 -21.21
CA MET A 462 13.92 21.35 -20.50
C MET A 462 12.87 20.48 -21.14
N LYS A 463 11.88 21.05 -21.82
CA LYS A 463 11.00 20.25 -22.64
C LYS A 463 11.78 19.55 -23.74
N ALA A 464 12.76 20.24 -24.31
CA ALA A 464 13.62 19.63 -25.31
C ALA A 464 14.42 18.47 -24.71
N ILE A 465 15.11 18.71 -23.59
CA ILE A 465 15.86 17.62 -22.96
C ILE A 465 14.94 16.46 -22.59
N VAL A 466 13.77 16.76 -22.07
CA VAL A 466 12.79 15.74 -21.74
C VAL A 466 12.46 14.90 -22.97
N GLU A 467 12.19 15.54 -24.09
CA GLU A 467 11.77 14.76 -25.24
C GLU A 467 12.89 13.95 -25.87
N LYS A 468 14.15 14.21 -25.50
CA LYS A 468 15.25 13.38 -25.97
C LYS A 468 15.37 12.07 -25.22
N LEU A 469 14.70 11.90 -24.09
CA LEU A 469 14.78 10.68 -23.30
C LEU A 469 13.48 9.91 -23.25
N ARG A 470 12.49 10.27 -24.04
CA ARG A 470 11.20 9.59 -23.97
C ARG A 470 11.38 8.11 -24.25
N PHE A 471 10.58 7.29 -23.57
CA PHE A 471 10.47 5.88 -23.90
C PHE A 471 9.14 5.37 -23.40
N THR A 472 8.81 4.14 -23.79
CA THR A 472 7.50 3.56 -23.50
C THR A 472 7.65 2.56 -22.36
N TYR A 473 7.64 3.09 -21.13
CA TYR A 473 7.63 2.23 -19.96
C TYR A 473 6.44 1.29 -20.01
N ARG A 474 6.69 0.02 -19.74
CA ARG A 474 5.67 -1.00 -19.62
C ARG A 474 5.92 -1.74 -18.33
N SER A 475 4.84 -2.15 -17.66
CA SER A 475 4.93 -2.57 -16.27
C SER A 475 6.00 -3.61 -16.03
N ASP A 476 6.01 -4.66 -16.85
CA ASP A 476 7.00 -5.73 -16.73
C ASP A 476 8.19 -5.46 -17.67
N SER A 477 8.97 -4.45 -17.29
CA SER A 477 10.12 -4.02 -18.06
C SER A 477 11.44 -4.33 -17.37
N PHE A 478 11.61 -3.86 -16.15
CA PHE A 478 12.86 -4.06 -15.43
C PHE A 478 12.78 -5.30 -14.56
N GLU A 479 13.94 -5.81 -14.17
CA GLU A 479 14.02 -6.96 -13.30
C GLU A 479 15.13 -6.74 -12.28
N ASN A 480 14.85 -7.11 -11.04
CA ASN A 480 15.63 -6.73 -9.89
C ASN A 480 17.10 -7.01 -10.11
N PRO A 481 18.01 -6.15 -9.65
CA PRO A 481 19.41 -6.56 -9.62
C PRO A 481 19.70 -7.57 -8.52
N VAL A 482 19.21 -7.31 -7.31
CA VAL A 482 19.63 -8.12 -6.18
C VAL A 482 19.15 -9.55 -6.33
N LEU A 483 17.89 -9.76 -6.71
CA LEU A 483 17.42 -11.13 -6.90
C LEU A 483 18.20 -11.82 -7.99
N GLN A 484 18.34 -11.18 -9.15
CA GLN A 484 19.01 -11.89 -10.25
C GLN A 484 20.48 -12.09 -9.95
N GLN A 485 21.16 -11.07 -9.40
CA GLN A 485 22.55 -11.26 -9.01
C GLN A 485 22.70 -12.39 -8.01
N HIS A 486 21.87 -12.40 -6.97
CA HIS A 486 21.99 -13.40 -5.92
C HIS A 486 21.62 -14.79 -6.43
N PHE A 487 20.63 -14.89 -7.32
CA PHE A 487 20.28 -16.22 -7.82
C PHE A 487 21.27 -16.74 -8.83
N ARG A 488 21.93 -15.87 -9.60
CA ARG A 488 23.04 -16.36 -10.40
C ARG A 488 24.20 -16.78 -9.53
N ASN A 489 24.49 -16.01 -8.48
CA ASN A 489 25.46 -16.44 -7.49
C ASN A 489 25.13 -17.84 -7.00
N LEU A 490 23.87 -18.05 -6.63
CA LEU A 490 23.46 -19.35 -6.12
C LEU A 490 23.66 -20.43 -7.17
N GLU A 491 23.12 -20.24 -8.37
CA GLU A 491 23.23 -21.26 -9.40
C GLU A 491 24.68 -21.62 -9.65
N ALA A 492 25.58 -20.63 -9.65
CA ALA A 492 27.00 -20.95 -9.75
C ALA A 492 27.42 -21.83 -8.59
N LEU A 493 27.02 -21.46 -7.37
CA LEU A 493 27.31 -22.31 -6.23
C LEU A 493 26.52 -23.60 -6.23
N ALA A 494 25.50 -23.72 -7.08
CA ALA A 494 24.76 -24.97 -7.20
C ALA A 494 25.40 -25.96 -8.17
N LEU A 495 26.44 -25.55 -8.89
CA LEU A 495 27.16 -26.42 -9.80
C LEU A 495 28.67 -26.27 -9.66
N ASP A 496 29.13 -25.68 -8.56
CA ASP A 496 30.56 -25.58 -8.26
C ASP A 496 31.32 -24.84 -9.35
N LEU A 497 30.79 -23.73 -9.83
CA LEU A 497 31.45 -22.97 -10.88
C LEU A 497 32.45 -21.98 -10.30
N MET A 498 33.38 -21.55 -11.16
CA MET A 498 34.48 -20.70 -10.72
C MET A 498 33.93 -19.35 -10.26
N GLU A 499 33.32 -18.62 -11.18
CA GLU A 499 32.71 -17.34 -10.87
C GLU A 499 31.27 -17.32 -11.37
N PRO A 500 30.38 -16.60 -10.71
CA PRO A 500 28.99 -16.61 -11.14
C PRO A 500 28.77 -15.73 -12.37
N GLU A 501 27.58 -15.86 -12.95
CA GLU A 501 27.18 -15.01 -14.05
C GLU A 501 26.65 -13.69 -13.47
N GLN A 502 27.50 -12.67 -13.47
CA GLN A 502 27.04 -11.35 -13.06
C GLN A 502 25.95 -10.86 -14.01
N ALA A 503 24.87 -10.34 -13.44
CA ALA A 503 23.81 -9.81 -14.28
C ALA A 503 24.21 -8.45 -14.83
N VAL A 504 24.05 -8.28 -16.14
CA VAL A 504 24.23 -6.97 -16.76
C VAL A 504 23.06 -6.10 -16.31
N ASP A 505 23.37 -5.03 -15.60
CA ASP A 505 22.33 -4.26 -14.93
C ASP A 505 21.45 -3.55 -15.95
N LEU A 506 20.14 -3.54 -15.69
CA LEU A 506 19.20 -2.77 -16.48
C LEU A 506 18.85 -1.44 -15.83
N THR A 507 18.65 -1.44 -14.52
CA THR A 507 18.16 -0.24 -13.85
C THR A 507 19.20 0.86 -13.77
N LEU A 508 20.44 0.61 -14.15
CA LEU A 508 21.40 1.70 -14.22
C LEU A 508 20.97 2.69 -15.29
N PRO A 509 21.44 3.93 -15.22
CA PRO A 509 21.28 4.84 -16.35
C PRO A 509 22.30 4.51 -17.44
N LYS A 510 21.82 4.36 -18.67
CA LYS A 510 22.71 4.09 -19.80
C LYS A 510 23.42 5.41 -20.13
N VAL A 511 24.33 5.78 -19.24
CA VAL A 511 24.78 7.17 -19.18
C VAL A 511 25.52 7.58 -20.44
N GLU A 512 26.39 6.75 -20.98
CA GLU A 512 27.18 7.17 -22.14
C GLU A 512 26.26 7.39 -23.33
N ALA A 513 25.41 6.41 -23.64
CA ALA A 513 24.49 6.56 -24.75
C ALA A 513 23.53 7.71 -24.53
N MET A 514 23.11 7.92 -23.27
CA MET A 514 22.11 8.94 -23.03
C MET A 514 22.70 10.34 -23.17
N ASN A 515 23.92 10.55 -22.66
CA ASN A 515 24.63 11.78 -22.96
C ASN A 515 24.77 11.99 -24.46
N LYS A 516 25.28 10.98 -25.17
CA LYS A 516 25.43 11.14 -26.62
C LYS A 516 24.10 11.39 -27.30
N ARG A 517 22.99 11.02 -26.67
CA ARG A 517 21.68 11.37 -27.19
C ARG A 517 21.35 12.84 -26.97
N LEU A 518 21.64 13.38 -25.78
CA LEU A 518 21.34 14.78 -25.56
C LEU A 518 22.24 15.71 -26.35
N GLY A 519 23.52 15.39 -26.46
CA GLY A 519 24.44 16.27 -27.16
C GLY A 519 24.84 17.48 -26.35
N SER A 520 24.60 18.67 -26.89
CA SER A 520 24.95 19.92 -26.23
C SER A 520 23.79 20.54 -25.47
N LEU A 521 22.61 19.89 -25.47
CA LEU A 521 21.46 20.45 -24.77
C LEU A 521 21.77 20.70 -23.32
N VAL A 522 22.42 19.73 -22.67
CA VAL A 522 22.69 19.83 -21.24
C VAL A 522 23.55 21.06 -20.97
N ASP A 523 24.51 21.35 -21.84
CA ASP A 523 25.35 22.54 -21.65
C ASP A 523 24.51 23.80 -21.74
N GLU A 524 23.60 23.86 -22.71
CA GLU A 524 22.73 25.01 -22.81
C GLU A 524 21.96 25.21 -21.53
N PHE A 525 21.38 24.14 -21.00
CA PHE A 525 20.61 24.25 -19.76
C PHE A 525 21.50 24.70 -18.61
N LYS A 526 22.69 24.12 -18.50
CA LYS A 526 23.57 24.45 -17.39
C LYS A 526 23.97 25.91 -17.41
N GLU A 527 24.34 26.45 -18.57
CA GLU A 527 24.70 27.87 -18.61
C GLU A 527 23.47 28.75 -18.45
N LEU A 528 22.29 28.24 -18.82
CA LEU A 528 21.07 29.00 -18.58
C LEU A 528 20.84 29.19 -17.09
N VAL A 529 20.86 28.11 -16.32
CA VAL A 529 20.35 28.16 -14.95
C VAL A 529 21.47 28.33 -13.92
N TYR A 530 22.49 27.54 -13.98
CA TYR A 530 23.45 27.65 -12.90
C TYR A 530 24.35 28.87 -13.14
N PRO A 531 24.83 29.53 -12.10
CA PRO A 531 25.81 30.59 -12.32
C PRO A 531 27.07 30.02 -12.92
N PRO A 532 27.94 30.87 -13.47
CA PRO A 532 29.22 30.36 -13.96
C PRO A 532 30.04 29.71 -12.88
N ASP A 533 29.86 30.10 -11.63
CA ASP A 533 30.66 29.65 -10.51
C ASP A 533 29.81 28.85 -9.52
N TYR A 534 28.91 28.03 -10.04
CA TYR A 534 28.11 27.17 -9.20
C TYR A 534 28.92 25.99 -8.70
N ASN A 535 28.52 25.45 -7.56
CA ASN A 535 29.21 24.33 -6.92
C ASN A 535 28.19 23.22 -6.68
N PRO A 536 27.88 22.43 -7.71
CA PRO A 536 26.91 21.35 -7.51
C PRO A 536 27.48 20.18 -6.71
N GLU A 537 28.73 20.29 -6.27
CA GLU A 537 29.30 19.29 -5.38
C GLU A 537 30.21 19.97 -4.36
N GLY B 5 11.31 19.75 17.21
CA GLY B 5 12.28 18.69 16.99
C GLY B 5 12.98 18.29 18.30
N ASN B 6 12.86 19.14 19.31
CA ASN B 6 13.29 18.81 20.67
C ASN B 6 12.12 18.78 21.63
N LYS B 7 11.41 19.89 21.79
CA LYS B 7 10.37 19.98 22.79
C LYS B 7 9.38 21.05 22.37
N ALA B 8 8.15 20.91 22.84
CA ALA B 8 7.14 21.96 22.71
C ALA B 8 6.56 22.26 24.08
N ALA B 9 6.05 23.47 24.24
CA ALA B 9 5.54 23.94 25.52
C ALA B 9 4.09 24.37 25.30
N VAL B 10 3.17 23.44 25.50
CA VAL B 10 1.77 23.70 25.27
C VAL B 10 1.16 24.22 26.56
N VAL B 11 0.14 25.06 26.43
CA VAL B 11 -0.56 25.61 27.58
C VAL B 11 -2.04 25.60 27.25
N LEU B 12 -2.74 24.56 27.67
CA LEU B 12 -4.18 24.49 27.48
C LEU B 12 -4.83 25.53 28.38
N CYS B 13 -5.90 26.14 27.91
CA CYS B 13 -6.66 27.10 28.70
C CYS B 13 -8.14 26.75 28.57
N MET B 14 -8.62 25.91 29.46
CA MET B 14 -10.02 25.49 29.44
C MET B 14 -10.90 26.58 30.04
N ASP B 15 -12.05 26.80 29.43
CA ASP B 15 -13.14 27.57 30.03
C ASP B 15 -14.12 26.62 30.69
N VAL B 16 -14.53 26.95 31.92
CA VAL B 16 -15.48 26.11 32.64
C VAL B 16 -16.55 26.92 33.36
N GLY B 17 -16.73 28.17 32.98
CA GLY B 17 -17.79 28.98 33.53
C GLY B 17 -19.15 28.31 33.37
N PHE B 18 -20.15 28.91 34.01
CA PHE B 18 -21.48 28.32 34.05
C PHE B 18 -22.05 28.10 32.66
N THR B 19 -21.71 28.96 31.69
CA THR B 19 -22.29 28.82 30.36
C THR B 19 -22.03 27.44 29.76
N MET B 20 -20.88 26.84 30.04
CA MET B 20 -20.55 25.58 29.38
C MET B 20 -21.20 24.39 30.07
N SER B 21 -21.90 24.62 31.17
CA SER B 21 -22.70 23.56 31.75
C SER B 21 -24.08 23.53 31.11
N ASN B 22 -24.23 24.19 29.95
CA ASN B 22 -25.49 24.23 29.23
C ASN B 22 -25.62 22.92 28.46
N SER B 23 -26.22 21.92 29.10
CA SER B 23 -26.34 20.58 28.54
C SER B 23 -27.71 20.43 27.88
N ILE B 24 -27.79 20.84 26.62
CA ILE B 24 -29.02 20.65 25.85
C ILE B 24 -29.15 19.16 25.55
N PRO B 25 -30.30 18.54 25.81
CA PRO B 25 -30.42 17.09 25.53
C PRO B 25 -30.18 16.80 24.07
N GLY B 26 -29.46 15.71 23.81
CA GLY B 26 -29.03 15.34 22.48
C GLY B 26 -27.70 15.97 22.08
N ILE B 27 -27.25 16.98 22.80
CA ILE B 27 -26.02 17.69 22.51
C ILE B 27 -25.15 17.66 23.75
N GLU B 28 -23.89 17.26 23.58
CA GLU B 28 -22.94 17.32 24.66
C GLU B 28 -22.79 18.75 25.15
N SER B 29 -22.65 18.91 26.45
CA SER B 29 -22.36 20.24 26.97
C SER B 29 -20.99 20.67 26.48
N PRO B 30 -20.76 21.95 26.22
CA PRO B 30 -19.41 22.39 25.85
C PRO B 30 -18.34 21.96 26.83
N PHE B 31 -18.68 21.83 28.11
CA PHE B 31 -17.67 21.42 29.07
C PHE B 31 -17.21 20.00 28.81
N GLU B 32 -18.14 19.07 28.64
CA GLU B 32 -17.74 17.68 28.40
C GLU B 32 -17.01 17.55 27.07
N GLN B 33 -17.37 18.37 26.09
CA GLN B 33 -16.62 18.34 24.83
C GLN B 33 -15.19 18.82 25.03
N ALA B 34 -14.99 19.87 25.82
CA ALA B 34 -13.64 20.30 26.12
C ALA B 34 -12.87 19.20 26.85
N LYS B 35 -13.55 18.50 27.75
CA LYS B 35 -12.92 17.37 28.42
C LYS B 35 -12.50 16.31 27.42
N LYS B 36 -13.36 15.99 26.46
CA LYS B 36 -13.02 14.97 25.47
C LYS B 36 -11.80 15.38 24.66
N VAL B 37 -11.76 16.63 24.22
CA VAL B 37 -10.66 17.07 23.37
C VAL B 37 -9.36 17.10 24.16
N ILE B 38 -9.40 17.56 25.41
CA ILE B 38 -8.13 17.61 26.14
C ILE B 38 -7.71 16.22 26.56
N THR B 39 -8.65 15.30 26.77
CA THR B 39 -8.24 13.91 26.96
C THR B 39 -7.52 13.41 25.72
N MET B 40 -8.06 13.68 24.53
CA MET B 40 -7.38 13.26 23.32
C MET B 40 -5.96 13.81 23.29
N PHE B 41 -5.83 15.11 23.51
CA PHE B 41 -4.52 15.74 23.45
C PHE B 41 -3.56 15.09 24.42
N VAL B 42 -3.94 15.01 25.70
CA VAL B 42 -2.95 14.61 26.69
C VAL B 42 -2.70 13.11 26.64
N GLN B 43 -3.72 12.29 26.35
CA GLN B 43 -3.47 10.89 26.04
C GLN B 43 -2.36 10.77 25.03
N ARG B 44 -2.58 11.32 23.84
CA ARG B 44 -1.58 11.13 22.81
C ARG B 44 -0.31 11.89 23.07
N GLN B 45 -0.25 12.72 24.11
CA GLN B 45 1.00 13.36 24.49
C GLN B 45 1.72 12.67 25.64
N VAL B 46 1.07 11.73 26.32
CA VAL B 46 1.74 10.95 27.35
C VAL B 46 2.09 9.57 26.83
N PHE B 47 1.15 8.91 26.16
CA PHE B 47 1.31 7.51 25.83
C PHE B 47 2.28 7.32 24.67
N ALA B 48 2.27 8.24 23.72
CA ALA B 48 3.26 8.17 22.65
C ALA B 48 4.62 8.61 23.17
N GLU B 49 4.71 8.96 24.45
CA GLU B 49 5.98 9.26 25.10
C GLU B 49 6.70 10.39 24.38
N ASN B 50 5.93 11.38 23.96
CA ASN B 50 6.50 12.63 23.51
C ASN B 50 7.05 13.40 24.72
N LYS B 51 7.94 14.34 24.44
CA LYS B 51 8.58 15.15 25.48
C LYS B 51 8.05 16.57 25.50
N ASP B 52 6.76 16.74 25.24
CA ASP B 52 6.12 18.04 25.25
C ASP B 52 5.62 18.37 26.65
N GLU B 53 5.94 19.56 27.13
CA GLU B 53 5.52 20.01 28.44
C GLU B 53 4.17 20.71 28.34
N ILE B 54 3.14 20.10 28.91
CA ILE B 54 1.81 20.66 28.95
C ILE B 54 1.63 21.39 30.27
N ALA B 55 0.94 22.52 30.22
CA ALA B 55 0.44 23.17 31.42
C ALA B 55 -1.04 23.46 31.23
N LEU B 56 -1.87 22.98 32.15
CA LEU B 56 -3.30 23.21 32.08
C LEU B 56 -3.66 24.42 32.91
N VAL B 57 -4.48 25.31 32.35
CA VAL B 57 -4.98 26.48 33.07
C VAL B 57 -6.48 26.48 32.95
N LEU B 58 -7.16 26.46 34.08
CA LEU B 58 -8.61 26.32 34.13
C LEU B 58 -9.21 27.64 34.60
N PHE B 59 -10.05 28.24 33.77
CA PHE B 59 -10.73 29.48 34.14
C PHE B 59 -12.24 29.29 33.98
N GLY B 60 -12.98 29.84 34.93
CA GLY B 60 -14.38 29.52 35.10
C GLY B 60 -14.65 28.95 36.48
N THR B 61 -13.59 28.58 37.19
CA THR B 61 -13.74 28.02 38.53
C THR B 61 -14.24 29.08 39.49
N ASP B 62 -14.39 28.69 40.75
CA ASP B 62 -14.78 29.61 41.81
C ASP B 62 -13.59 30.21 42.54
N GLY B 63 -12.46 29.52 42.56
CA GLY B 63 -11.29 29.96 43.27
C GLY B 63 -10.39 30.85 42.45
N THR B 64 -9.15 31.00 42.92
CA THR B 64 -8.14 31.79 42.22
C THR B 64 -6.78 31.18 42.51
N ASP B 65 -5.96 31.03 41.47
CA ASP B 65 -4.63 30.46 41.63
C ASP B 65 -3.81 30.86 40.40
N ASN B 66 -2.96 31.86 40.57
CA ASN B 66 -2.09 32.33 39.49
C ASN B 66 -1.15 33.37 40.06
N PRO B 67 -0.12 33.77 39.30
CA PRO B 67 0.77 34.83 39.77
C PRO B 67 0.22 36.25 39.65
N LEU B 68 -0.95 36.43 39.02
CA LEU B 68 -1.53 37.75 38.80
C LEU B 68 -2.76 37.99 39.66
N SER B 69 -2.94 37.23 40.73
CA SER B 69 -4.10 37.42 41.60
C SER B 69 -4.07 38.76 42.29
N GLY B 70 -2.92 39.42 42.36
CA GLY B 70 -2.82 40.67 43.08
C GLY B 70 -3.71 41.74 42.47
N GLY B 71 -3.94 42.79 43.27
CA GLY B 71 -4.81 43.86 42.82
C GLY B 71 -6.24 43.45 42.60
N ASP B 72 -6.63 42.28 43.12
CA ASP B 72 -7.99 41.76 42.92
C ASP B 72 -8.34 41.71 41.43
N GLN B 73 -7.41 41.21 40.64
CA GLN B 73 -7.60 41.02 39.21
C GLN B 73 -7.45 39.55 38.85
N TYR B 74 -7.97 39.19 37.69
CA TYR B 74 -7.85 37.83 37.18
C TYR B 74 -8.52 36.83 38.12
N GLN B 75 -9.77 37.11 38.47
CA GLN B 75 -10.55 36.16 39.23
C GLN B 75 -10.90 34.96 38.35
N ASN B 76 -11.16 33.83 38.99
CA ASN B 76 -11.49 32.61 38.27
C ASN B 76 -10.39 32.22 37.29
N ILE B 77 -9.14 32.28 37.77
CA ILE B 77 -7.97 31.87 37.00
C ILE B 77 -7.20 30.88 37.85
N THR B 78 -7.49 29.60 37.68
CA THR B 78 -6.90 28.54 38.49
C THR B 78 -5.85 27.84 37.63
N VAL B 79 -4.57 28.06 37.94
CA VAL B 79 -3.52 27.35 37.23
C VAL B 79 -3.49 25.92 37.76
N HIS B 80 -4.16 25.01 37.08
CA HIS B 80 -4.32 23.66 37.60
C HIS B 80 -3.00 22.90 37.61
N ARG B 81 -2.11 23.17 36.64
CA ARG B 81 -0.87 22.42 36.54
C ARG B 81 0.14 23.29 35.79
N HIS B 82 1.22 23.68 36.47
CA HIS B 82 2.25 24.47 35.83
C HIS B 82 2.98 23.61 34.79
N LEU B 83 3.96 24.21 34.13
CA LEU B 83 4.66 23.52 33.05
C LEU B 83 5.50 22.38 33.61
N MET B 84 5.08 21.15 33.31
CA MET B 84 5.87 19.96 33.56
C MET B 84 5.40 18.87 32.62
N LEU B 85 6.23 17.85 32.46
CA LEU B 85 5.91 16.75 31.57
C LEU B 85 4.59 16.11 31.98
N PRO B 86 3.75 15.69 31.04
CA PRO B 86 2.43 15.19 31.43
C PRO B 86 2.51 13.75 31.91
N ASP B 87 1.71 13.45 32.92
CA ASP B 87 1.68 12.14 33.55
C ASP B 87 0.23 11.76 33.77
N PHE B 88 0.01 10.68 34.52
CA PHE B 88 -1.35 10.20 34.74
C PHE B 88 -2.09 10.98 35.81
N ASP B 89 -1.41 11.77 36.63
CA ASP B 89 -2.13 12.67 37.52
C ASP B 89 -3.05 13.56 36.70
N LEU B 90 -2.53 14.12 35.62
CA LEU B 90 -3.33 15.00 34.77
C LEU B 90 -4.50 14.25 34.15
N LEU B 91 -4.25 13.04 33.65
CA LEU B 91 -5.31 12.32 32.97
C LEU B 91 -6.39 11.85 33.93
N GLU B 92 -6.06 11.66 35.21
CA GLU B 92 -7.12 11.43 36.18
C GLU B 92 -7.87 12.72 36.48
N ASP B 93 -7.15 13.83 36.60
CA ASP B 93 -7.78 15.11 36.89
C ASP B 93 -8.84 15.44 35.85
N ILE B 94 -8.53 15.18 34.58
CA ILE B 94 -9.31 15.78 33.49
C ILE B 94 -10.78 15.38 33.56
N GLU B 95 -11.08 14.21 34.15
CA GLU B 95 -12.46 13.73 34.20
C GLU B 95 -12.94 13.40 35.61
N SER B 96 -12.05 13.27 36.59
CA SER B 96 -12.50 13.05 37.96
C SER B 96 -12.63 14.33 38.73
N LYS B 97 -11.54 15.07 38.93
CA LYS B 97 -11.52 16.21 39.83
C LYS B 97 -11.36 17.54 39.11
N ILE B 98 -11.95 17.70 37.94
CA ILE B 98 -12.14 19.00 37.32
C ILE B 98 -13.61 19.15 36.99
N GLN B 99 -14.26 20.12 37.63
CA GLN B 99 -15.70 20.28 37.63
C GLN B 99 -16.06 21.70 37.20
N PRO B 100 -17.27 21.92 36.71
CA PRO B 100 -17.66 23.26 36.27
C PRO B 100 -17.57 24.27 37.39
N GLY B 101 -17.86 25.51 37.05
CA GLY B 101 -17.97 26.57 38.03
C GLY B 101 -19.21 27.41 37.77
N SER B 102 -19.49 28.36 38.66
CA SER B 102 -20.62 29.25 38.50
C SER B 102 -20.23 30.62 37.99
N GLN B 103 -18.94 30.94 37.91
CA GLN B 103 -18.51 32.23 37.41
C GLN B 103 -18.51 32.22 35.88
N GLN B 104 -18.23 33.38 35.29
CA GLN B 104 -17.95 33.49 33.87
C GLN B 104 -16.73 34.38 33.74
N ALA B 105 -15.66 33.83 33.19
CA ALA B 105 -14.36 34.48 33.26
C ALA B 105 -14.01 35.19 31.96
N ASP B 106 -13.08 36.13 32.08
CA ASP B 106 -12.54 36.90 30.96
C ASP B 106 -11.43 36.11 30.29
N PHE B 107 -11.73 35.52 29.13
CA PHE B 107 -10.75 34.65 28.52
C PHE B 107 -9.55 35.43 27.99
N LEU B 108 -9.68 36.74 27.77
CA LEU B 108 -8.49 37.52 27.46
C LEU B 108 -7.57 37.59 28.67
N ASP B 109 -8.13 37.70 29.87
CA ASP B 109 -7.32 37.57 31.06
C ASP B 109 -6.70 36.18 31.11
N ALA B 110 -7.42 35.17 30.62
CA ALA B 110 -6.85 33.83 30.56
C ALA B 110 -5.66 33.78 29.61
N LEU B 111 -5.77 34.45 28.45
CA LEU B 111 -4.63 34.52 27.57
C LEU B 111 -3.45 35.21 28.23
N ILE B 112 -3.70 36.33 28.91
CA ILE B 112 -2.57 37.04 29.51
C ILE B 112 -1.92 36.18 30.59
N VAL B 113 -2.74 35.45 31.34
CA VAL B 113 -2.19 34.56 32.36
C VAL B 113 -1.35 33.48 31.71
N SER B 114 -1.84 32.86 30.64
CA SER B 114 -1.09 31.80 29.98
C SER B 114 0.20 32.33 29.39
N MET B 115 0.15 33.52 28.81
CA MET B 115 1.35 34.18 28.32
C MET B 115 2.36 34.35 29.44
N ASP B 116 1.89 34.75 30.62
CA ASP B 116 2.78 34.81 31.78
C ASP B 116 3.35 33.43 32.09
N VAL B 117 2.52 32.40 32.04
CA VAL B 117 2.99 31.05 32.36
C VAL B 117 4.16 30.69 31.45
N ILE B 118 3.97 30.87 30.15
CA ILE B 118 5.00 30.44 29.21
C ILE B 118 6.24 31.32 29.32
N GLN B 119 6.04 32.64 29.42
CA GLN B 119 7.21 33.51 29.42
C GLN B 119 8.01 33.35 30.70
N HIS B 120 7.37 32.99 31.81
CA HIS B 120 8.09 32.83 33.07
C HIS B 120 8.66 31.43 33.19
N GLU B 121 7.79 30.41 33.20
CA GLU B 121 8.23 29.05 33.41
C GLU B 121 9.29 28.61 32.40
N THR B 122 9.17 29.05 31.15
CA THR B 122 10.15 28.70 30.12
C THR B 122 11.25 29.76 30.07
N ILE B 123 12.05 29.79 31.14
CA ILE B 123 13.24 30.63 31.19
C ILE B 123 14.51 29.79 31.14
N GLY B 124 14.57 28.71 31.90
CA GLY B 124 15.68 27.79 31.88
C GLY B 124 15.51 26.64 30.93
N LYS B 125 14.45 26.61 30.15
CA LYS B 125 14.13 25.50 29.26
C LYS B 125 14.20 25.98 27.82
N LYS B 126 15.02 25.30 27.02
CA LYS B 126 15.12 25.60 25.60
C LYS B 126 13.99 24.89 24.88
N PHE B 127 13.11 25.66 24.26
CA PHE B 127 11.98 25.14 23.50
C PHE B 127 12.03 25.67 22.07
N GLU B 128 11.71 24.78 21.13
CA GLU B 128 11.67 25.16 19.72
C GLU B 128 10.38 25.88 19.38
N LYS B 129 9.26 25.40 19.88
CA LYS B 129 7.96 25.97 19.60
C LYS B 129 7.24 26.24 20.90
N ARG B 130 6.43 27.29 20.90
CA ARG B 130 5.57 27.61 22.02
C ARG B 130 4.16 27.77 21.48
N HIS B 131 3.21 27.07 22.09
CA HIS B 131 1.87 26.93 21.58
C HIS B 131 0.88 27.15 22.71
N ILE B 132 -0.34 27.54 22.35
CA ILE B 132 -1.38 27.81 23.34
C ILE B 132 -2.70 27.44 22.70
N GLU B 133 -3.67 27.04 23.51
CA GLU B 133 -5.01 26.83 23.01
C GLU B 133 -5.99 27.59 23.87
N ILE B 134 -7.25 27.60 23.43
CA ILE B 134 -8.36 28.07 24.24
C ILE B 134 -9.58 27.24 23.88
N PHE B 135 -10.33 26.83 24.90
CA PHE B 135 -11.52 25.99 24.72
C PHE B 135 -12.68 26.74 25.36
N THR B 136 -13.26 27.68 24.61
CA THR B 136 -14.23 28.59 25.16
C THR B 136 -15.49 28.59 24.33
N ASP B 137 -16.62 28.82 25.01
CA ASP B 137 -17.89 29.06 24.36
C ASP B 137 -18.17 30.54 24.14
N LEU B 138 -17.31 31.42 24.63
CA LEU B 138 -17.43 32.85 24.36
C LEU B 138 -18.77 33.39 24.83
N SER B 139 -19.04 33.28 26.13
CA SER B 139 -20.26 33.82 26.73
C SER B 139 -19.94 34.65 27.96
N SER B 140 -18.85 35.41 27.90
CA SER B 140 -18.45 36.29 28.98
C SER B 140 -18.12 37.66 28.41
N ARG B 141 -18.47 38.70 29.16
CA ARG B 141 -18.03 40.03 28.78
C ARG B 141 -16.56 40.20 29.10
N PHE B 142 -15.93 41.16 28.43
CA PHE B 142 -14.50 41.36 28.64
C PHE B 142 -14.11 42.76 28.18
N SER B 143 -12.92 43.17 28.61
CA SER B 143 -12.36 44.46 28.29
C SER B 143 -11.15 44.28 27.37
N LYS B 144 -11.12 45.04 26.27
CA LYS B 144 -10.17 44.83 25.20
C LYS B 144 -8.90 45.66 25.36
N SER B 145 -8.73 46.35 26.49
CA SER B 145 -7.54 47.17 26.67
C SER B 145 -6.28 46.35 26.52
N GLN B 146 -6.06 45.41 27.44
CA GLN B 146 -4.85 44.58 27.41
C GLN B 146 -4.68 43.82 26.10
N LEU B 147 -5.69 43.79 25.23
CA LEU B 147 -5.51 43.20 23.90
C LEU B 147 -4.28 43.79 23.23
N ASP B 148 -4.10 45.11 23.36
CA ASP B 148 -2.94 45.76 22.74
C ASP B 148 -1.65 45.08 23.18
N ILE B 149 -1.58 44.69 24.45
CA ILE B 149 -0.40 44.02 24.97
C ILE B 149 -0.32 42.58 24.48
N ILE B 150 -1.45 41.89 24.37
CA ILE B 150 -1.46 40.48 24.03
C ILE B 150 -0.61 40.24 22.80
N ILE B 151 -1.09 40.77 21.67
CA ILE B 151 -0.34 40.63 20.44
C ILE B 151 1.04 41.23 20.60
N HIS B 152 1.14 42.36 21.31
CA HIS B 152 2.41 43.04 21.48
C HIS B 152 3.43 42.20 22.19
N SER B 153 3.02 41.08 22.80
CA SER B 153 3.96 40.12 23.34
C SER B 153 3.87 38.75 22.69
N LEU B 154 2.78 38.43 21.98
CA LEU B 154 2.65 37.13 21.35
C LEU B 154 3.77 36.89 20.35
N LYS B 155 3.80 37.69 19.29
CA LYS B 155 4.81 37.53 18.26
C LYS B 155 6.20 37.82 18.80
N LYS B 156 6.31 38.67 19.82
CA LYS B 156 7.58 39.04 20.42
C LYS B 156 8.05 38.06 21.49
N CYS B 157 7.15 37.28 22.08
CA CYS B 157 7.54 36.08 22.80
C CYS B 157 7.41 34.83 21.94
N ASP B 158 7.01 34.96 20.68
CA ASP B 158 6.97 33.87 19.72
C ASP B 158 6.08 32.73 20.23
N ILE B 159 4.80 33.04 20.32
CA ILE B 159 3.80 32.11 20.81
C ILE B 159 2.68 32.03 19.78
N SER B 160 2.33 30.81 19.41
CA SER B 160 1.19 30.59 18.54
C SER B 160 -0.09 30.55 19.36
N LEU B 161 -1.20 30.29 18.68
CA LEU B 161 -2.48 30.09 19.34
C LEU B 161 -3.30 29.08 18.55
N GLN B 162 -4.49 28.81 19.03
CA GLN B 162 -5.48 27.96 18.39
C GLN B 162 -6.75 28.11 19.20
N PHE B 163 -7.89 28.26 18.54
CA PHE B 163 -9.13 28.52 19.23
C PHE B 163 -10.12 27.41 18.96
N PHE B 164 -10.83 26.99 19.99
CA PHE B 164 -11.83 25.95 19.88
C PHE B 164 -13.13 26.48 20.44
N LEU B 165 -14.24 26.20 19.74
CA LEU B 165 -15.52 26.80 20.00
C LEU B 165 -16.57 25.72 19.79
N PRO B 166 -17.71 25.77 20.47
CA PRO B 166 -18.73 24.74 20.22
C PRO B 166 -19.43 24.89 18.87
N PHE B 167 -19.13 25.92 18.10
CA PHE B 167 -19.76 26.16 16.80
C PHE B 167 -18.68 26.49 15.78
N SER B 168 -18.92 26.09 14.54
CA SER B 168 -17.91 26.21 13.50
C SER B 168 -17.83 27.66 13.00
N LEU B 169 -17.03 27.86 11.95
CA LEU B 169 -17.06 29.11 11.20
C LEU B 169 -17.85 29.00 9.91
N GLY B 170 -18.58 27.91 9.70
CA GLY B 170 -19.41 27.74 8.52
C GLY B 170 -20.65 26.92 8.82
N ASP B 180 -27.52 21.13 12.07
CA ASP B 180 -28.81 20.78 12.64
C ASP B 180 -28.93 19.28 12.83
N GLY B 181 -30.07 18.84 13.35
CA GLY B 181 -30.33 17.42 13.51
C GLY B 181 -29.62 16.84 14.69
N PRO B 182 -29.51 15.51 14.75
CA PRO B 182 -28.83 14.88 15.90
C PRO B 182 -27.36 15.19 15.90
N PHE B 183 -26.91 15.93 16.91
CA PHE B 183 -25.54 16.42 16.99
C PHE B 183 -24.61 15.25 17.29
N ARG B 184 -24.20 14.56 16.23
CA ARG B 184 -23.18 13.53 16.35
C ARG B 184 -21.88 14.20 16.73
N LEU B 185 -21.43 14.01 17.96
CA LEU B 185 -20.19 14.61 18.37
C LEU B 185 -19.06 14.02 17.54
N GLY B 186 -18.16 14.87 17.08
CA GLY B 186 -17.09 14.45 16.19
C GLY B 186 -17.54 13.96 14.84
N GLY B 187 -18.82 14.07 14.51
CA GLY B 187 -19.33 13.50 13.29
C GLY B 187 -19.00 14.33 12.06
N HIS B 188 -19.75 14.10 10.99
CA HIS B 188 -19.45 14.64 9.67
C HIS B 188 -20.64 15.41 9.13
N GLY B 189 -21.13 16.38 9.91
CA GLY B 189 -22.25 17.18 9.47
C GLY B 189 -21.95 17.98 8.22
N PHE B 192 -23.54 24.28 16.98
CA PHE B 192 -24.82 24.92 16.79
C PHE B 192 -24.83 25.75 15.52
N PRO B 193 -26.02 26.13 15.04
CA PRO B 193 -26.07 27.04 13.88
C PRO B 193 -25.41 28.36 14.20
N LEU B 194 -24.74 28.94 13.20
CA LEU B 194 -24.16 30.27 13.38
C LEU B 194 -25.20 31.33 13.68
N LYS B 195 -26.46 31.11 13.30
CA LYS B 195 -27.55 31.97 13.72
C LYS B 195 -28.27 31.46 14.97
N GLY B 196 -27.80 30.37 15.55
CA GLY B 196 -28.37 29.84 16.78
C GLY B 196 -27.57 30.23 18.00
N ILE B 197 -26.74 31.27 17.89
CA ILE B 197 -25.90 31.73 18.99
C ILE B 197 -26.39 33.11 19.44
N THR B 198 -25.77 33.64 20.49
CA THR B 198 -26.17 34.92 21.06
C THR B 198 -25.24 36.04 20.59
N GLU B 199 -25.67 37.26 20.86
CA GLU B 199 -24.92 38.44 20.42
C GLU B 199 -23.57 38.53 21.11
N GLN B 200 -23.51 38.22 22.41
CA GLN B 200 -22.22 38.24 23.10
C GLN B 200 -21.26 37.26 22.45
N GLN B 201 -21.75 36.09 22.06
CA GLN B 201 -20.92 35.14 21.34
C GLN B 201 -20.41 35.73 20.04
N LYS B 202 -21.26 36.47 19.32
CA LYS B 202 -20.83 37.07 18.07
C LYS B 202 -19.74 38.10 18.30
N GLU B 203 -19.90 38.95 19.32
CA GLU B 203 -18.85 39.94 19.62
C GLU B 203 -17.54 39.25 19.97
N GLY B 204 -17.61 38.23 20.82
CA GLY B 204 -16.41 37.48 21.14
C GLY B 204 -15.78 36.91 19.90
N LEU B 205 -16.58 36.31 19.03
CA LEU B 205 -16.05 35.69 17.83
C LEU B 205 -15.40 36.72 16.92
N GLU B 206 -15.94 37.93 16.87
CA GLU B 206 -15.29 38.98 16.10
C GLU B 206 -13.92 39.30 16.68
N ILE B 207 -13.82 39.37 18.01
CA ILE B 207 -12.50 39.60 18.61
C ILE B 207 -11.57 38.44 18.28
N VAL B 208 -12.10 37.22 18.30
CA VAL B 208 -11.30 36.03 18.02
C VAL B 208 -10.74 36.10 16.61
N LYS B 209 -11.62 36.35 15.64
CA LYS B 209 -11.17 36.44 14.25
C LYS B 209 -10.15 37.56 14.10
N MET B 210 -10.38 38.69 14.79
CA MET B 210 -9.44 39.79 14.73
C MET B 210 -8.05 39.36 15.16
N VAL B 211 -7.95 38.70 16.31
CA VAL B 211 -6.63 38.32 16.80
C VAL B 211 -6.01 37.25 15.91
N MET B 212 -6.81 36.31 15.42
CA MET B 212 -6.25 35.25 14.59
C MET B 212 -5.69 35.82 13.29
N ILE B 213 -6.42 36.74 12.66
CA ILE B 213 -5.88 37.42 11.49
C ILE B 213 -4.61 38.16 11.86
N SER B 214 -4.65 38.94 12.94
CA SER B 214 -3.48 39.73 13.32
C SER B 214 -2.26 38.87 13.57
N LEU B 215 -2.46 37.59 13.90
CA LEU B 215 -1.33 36.68 14.03
C LEU B 215 -0.89 36.06 12.70
N GLU B 216 -1.82 35.63 11.84
CA GLU B 216 -1.45 34.76 10.73
C GLU B 216 -2.02 35.13 9.38
N GLY B 217 -2.35 36.39 9.13
CA GLY B 217 -2.97 36.70 7.86
C GLY B 217 -4.29 35.96 7.72
N GLU B 218 -4.64 35.64 6.48
CA GLU B 218 -5.91 34.97 6.25
C GLU B 218 -5.88 33.53 6.76
N ASP B 219 -4.70 32.97 7.02
CA ASP B 219 -4.62 31.60 7.49
C ASP B 219 -5.18 31.45 8.89
N GLY B 220 -5.48 32.54 9.58
CA GLY B 220 -6.03 32.44 10.92
C GLY B 220 -7.34 31.66 10.95
N LEU B 221 -8.28 31.99 10.07
CA LEU B 221 -9.60 31.41 10.17
C LEU B 221 -9.63 29.91 9.90
N ASP B 222 -8.50 29.29 9.61
CA ASP B 222 -8.39 27.83 9.65
C ASP B 222 -7.96 27.33 11.02
N GLU B 223 -7.66 28.21 11.97
CA GLU B 223 -7.23 27.83 13.30
C GLU B 223 -8.36 27.80 14.31
N ILE B 224 -9.55 28.22 13.93
CA ILE B 224 -10.69 28.30 14.84
C ILE B 224 -11.57 27.10 14.53
N TYR B 225 -11.36 26.01 15.26
CA TYR B 225 -12.05 24.75 15.04
C TYR B 225 -13.24 24.62 15.96
N SER B 226 -14.18 23.78 15.57
CA SER B 226 -15.28 23.46 16.46
C SER B 226 -14.76 22.55 17.55
N PHE B 227 -15.66 21.92 18.29
CA PHE B 227 -15.27 20.86 19.22
C PHE B 227 -15.51 19.50 18.61
N SER B 228 -16.57 19.33 17.83
CA SER B 228 -16.72 18.10 17.06
C SER B 228 -15.54 17.98 16.12
N GLU B 229 -15.43 18.94 15.21
CA GLU B 229 -14.37 18.99 14.21
C GLU B 229 -12.99 18.75 14.77
N SER B 230 -12.74 19.09 16.02
CA SER B 230 -11.42 18.81 16.55
C SER B 230 -11.24 17.38 17.00
N LEU B 231 -12.33 16.62 17.14
CA LEU B 231 -12.22 15.23 17.53
C LEU B 231 -11.93 14.33 16.34
N ARG B 232 -12.10 14.82 15.13
CA ARG B 232 -11.83 14.08 13.92
C ARG B 232 -10.79 14.77 13.07
N LYS B 233 -9.78 15.33 13.71
CA LYS B 233 -8.66 15.93 13.01
C LYS B 233 -7.48 15.88 13.97
N LEU B 234 -6.28 16.00 13.42
CA LEU B 234 -5.09 16.18 14.25
C LEU B 234 -4.81 17.63 14.52
N CYS B 235 -5.84 18.47 14.44
CA CYS B 235 -5.68 19.91 14.60
C CYS B 235 -5.10 20.28 15.95
N VAL B 236 -5.39 19.53 16.99
CA VAL B 236 -4.87 19.88 18.30
C VAL B 236 -3.35 19.76 18.33
N PHE B 237 -2.78 18.85 17.55
CA PHE B 237 -1.33 18.67 17.48
C PHE B 237 -0.70 19.47 16.36
N LYS B 238 -1.51 20.15 15.55
CA LYS B 238 -1.07 20.56 14.22
C LYS B 238 0.17 21.43 14.27
N LYS B 239 0.40 22.15 15.36
CA LYS B 239 1.39 23.21 15.37
C LYS B 239 2.66 22.85 16.14
N ILE B 240 2.80 21.59 16.58
CA ILE B 240 4.05 21.17 17.19
C ILE B 240 4.50 19.81 16.64
N GLU B 241 3.89 19.38 15.55
CA GLU B 241 4.24 18.08 14.97
C GLU B 241 5.70 18.07 14.56
N ARG B 242 6.34 16.92 14.72
CA ARG B 242 7.76 16.81 14.46
C ARG B 242 8.07 17.10 13.00
N HIS B 243 9.09 17.93 12.78
CA HIS B 243 9.59 18.18 11.45
C HIS B 243 10.16 16.88 10.86
N SER B 244 10.00 16.72 9.54
CA SER B 244 10.49 15.53 8.87
C SER B 244 12.02 15.57 8.86
N ILE B 245 12.64 14.61 8.18
CA ILE B 245 14.08 14.58 8.03
C ILE B 245 14.41 14.77 6.56
N HIS B 246 15.29 15.72 6.27
CA HIS B 246 15.69 15.99 4.90
C HIS B 246 16.72 14.96 4.47
N TRP B 247 16.39 14.20 3.44
CA TRP B 247 17.30 13.24 2.83
C TRP B 247 17.98 13.90 1.64
N PRO B 248 19.21 14.40 1.77
CA PRO B 248 19.86 15.01 0.61
C PRO B 248 20.20 13.98 -0.43
N CYS B 249 20.26 14.42 -1.69
CA CYS B 249 20.75 13.57 -2.76
C CYS B 249 20.90 14.45 -4.01
N ARG B 250 21.18 13.80 -5.14
CA ARG B 250 21.42 14.46 -6.41
C ARG B 250 20.62 13.77 -7.49
N LEU B 251 19.60 14.44 -8.03
CA LEU B 251 18.90 13.91 -9.18
C LEU B 251 19.74 14.21 -10.42
N THR B 252 20.31 13.18 -11.02
CA THR B 252 21.22 13.34 -12.15
C THR B 252 20.56 12.81 -13.41
N ILE B 253 20.58 13.62 -14.46
CA ILE B 253 20.33 13.17 -15.82
C ILE B 253 21.64 13.25 -16.58
N GLY B 254 21.87 12.24 -17.42
CA GLY B 254 23.18 12.03 -17.95
C GLY B 254 24.16 11.91 -16.79
N SER B 255 25.28 12.59 -16.93
CA SER B 255 26.23 12.78 -15.85
C SER B 255 26.62 14.24 -15.70
N ASN B 256 26.16 15.10 -16.59
CA ASN B 256 26.45 16.53 -16.52
C ASN B 256 25.21 17.36 -16.20
N LEU B 257 24.07 16.74 -15.87
CA LEU B 257 22.92 17.49 -15.40
C LEU B 257 22.60 17.00 -13.98
N SER B 258 23.25 17.58 -12.99
CA SER B 258 23.09 17.17 -11.59
C SER B 258 22.32 18.26 -10.85
N ILE B 259 21.16 17.88 -10.31
CA ILE B 259 20.27 18.80 -9.59
C ILE B 259 20.33 18.41 -8.12
N ARG B 260 20.80 19.32 -7.28
CA ARG B 260 21.10 19.01 -5.89
C ARG B 260 19.84 19.14 -5.05
N ILE B 261 19.19 18.02 -4.72
CA ILE B 261 17.83 18.02 -4.18
C ILE B 261 17.83 17.51 -2.75
N ALA B 262 16.70 17.74 -2.08
CA ALA B 262 16.40 17.17 -0.77
C ALA B 262 15.04 16.51 -0.86
N ALA B 263 14.93 15.28 -0.41
CA ALA B 263 13.67 14.55 -0.45
C ALA B 263 13.18 14.25 0.95
N TYR B 264 11.87 14.33 1.14
CA TYR B 264 11.23 14.06 2.41
C TYR B 264 10.23 12.93 2.22
N LYS B 265 9.90 12.26 3.33
CA LYS B 265 8.83 11.28 3.31
C LYS B 265 7.52 12.00 3.47
N SER B 266 6.48 11.48 2.81
CA SER B 266 5.17 12.12 2.84
C SER B 266 4.11 11.22 3.46
N ILE B 267 3.83 10.07 2.87
CA ILE B 267 2.76 9.21 3.33
C ILE B 267 3.36 7.95 3.90
N LEU B 268 3.85 8.01 5.13
CA LEU B 268 4.56 6.91 5.75
C LEU B 268 3.66 6.31 6.81
N GLN B 269 3.13 5.12 6.55
CA GLN B 269 2.09 4.57 7.40
C GLN B 269 2.52 4.59 8.85
N GLU B 270 1.56 4.80 9.74
CA GLU B 270 1.82 5.02 11.16
C GLU B 270 1.35 3.80 11.93
N ARG B 271 2.24 3.26 12.76
CA ARG B 271 1.94 2.12 13.62
C ARG B 271 2.48 2.38 15.01
N VAL B 272 1.98 1.61 15.94
CA VAL B 272 2.26 1.75 17.37
C VAL B 272 3.72 1.48 17.65
N LYS B 273 4.28 2.21 18.61
CA LYS B 273 5.69 2.13 18.93
C LYS B 273 6.01 1.35 20.20
N LYS B 274 5.01 0.77 20.87
CA LYS B 274 5.24 -0.09 22.03
C LYS B 274 4.61 -1.44 21.79
N THR B 275 5.40 -2.50 21.97
CA THR B 275 4.95 -3.87 21.79
C THR B 275 4.49 -4.42 23.13
N TRP B 276 3.53 -5.33 23.09
CA TRP B 276 3.02 -5.89 24.34
C TRP B 276 4.05 -6.84 24.92
N THR B 277 4.84 -6.35 25.87
CA THR B 277 5.72 -7.23 26.60
C THR B 277 4.91 -8.29 27.32
N VAL B 278 5.45 -9.50 27.37
CA VAL B 278 4.81 -10.63 28.05
C VAL B 278 5.45 -10.80 29.41
N VAL B 279 4.63 -10.88 30.46
CA VAL B 279 5.11 -11.07 31.81
C VAL B 279 4.25 -12.13 32.50
N ASP B 280 4.82 -12.73 33.54
CA ASP B 280 4.13 -13.81 34.24
C ASP B 280 2.85 -13.29 34.87
N ALA B 281 1.79 -14.09 34.77
CA ALA B 281 0.47 -13.64 35.20
C ALA B 281 0.40 -13.31 36.68
N LYS B 282 1.36 -13.79 37.48
CA LYS B 282 1.30 -13.63 38.94
C LYS B 282 2.32 -12.62 39.44
N THR B 283 3.61 -12.83 39.19
CA THR B 283 4.61 -11.88 39.66
C THR B 283 4.74 -10.66 38.76
N LEU B 284 4.19 -10.71 37.53
CA LEU B 284 4.14 -9.56 36.64
C LEU B 284 5.53 -8.99 36.36
N LYS B 285 6.40 -9.85 35.86
CA LYS B 285 7.74 -9.46 35.45
C LYS B 285 8.09 -10.18 34.15
N LYS B 286 9.03 -9.61 33.41
CA LYS B 286 9.42 -10.18 32.14
C LYS B 286 10.62 -11.13 32.28
N GLU B 287 11.60 -10.75 33.09
CA GLU B 287 12.84 -11.54 33.19
C GLU B 287 12.58 -12.97 33.62
N ASP B 288 11.48 -13.21 34.35
CA ASP B 288 11.17 -14.56 34.78
C ASP B 288 10.79 -15.46 33.61
N ILE B 289 10.54 -14.89 32.43
CA ILE B 289 10.27 -15.64 31.21
C ILE B 289 11.56 -15.70 30.42
N GLN B 290 11.70 -16.72 29.57
CA GLN B 290 12.67 -16.68 28.49
C GLN B 290 12.11 -17.52 27.36
N LYS B 291 12.63 -17.32 26.15
CA LYS B 291 12.26 -18.16 25.02
C LYS B 291 13.46 -18.97 24.58
N GLU B 292 13.26 -20.28 24.45
CA GLU B 292 14.30 -21.20 24.01
C GLU B 292 13.91 -21.74 22.64
N THR B 293 14.81 -21.58 21.67
CA THR B 293 14.59 -22.03 20.30
C THR B 293 15.80 -22.86 19.92
N VAL B 294 15.78 -24.13 20.29
CA VAL B 294 16.90 -25.03 20.08
C VAL B 294 16.63 -25.86 18.83
N TYR B 295 17.70 -26.36 18.23
CA TYR B 295 17.62 -27.04 16.94
C TYR B 295 17.68 -28.56 17.13
N CYS B 296 16.69 -29.24 16.55
CA CYS B 296 16.68 -30.69 16.46
C CYS B 296 16.23 -31.06 15.05
N LEU B 297 16.28 -32.35 14.74
CA LEU B 297 15.80 -32.79 13.43
C LEU B 297 14.29 -32.60 13.36
N ASN B 298 13.83 -31.95 12.29
CA ASN B 298 12.40 -31.62 12.19
C ASN B 298 11.60 -32.86 11.82
N ASP B 299 12.18 -33.79 11.07
CA ASP B 299 11.53 -35.03 10.74
C ASP B 299 11.40 -35.87 12.01
N ASP B 300 10.83 -37.07 11.89
CA ASP B 300 10.79 -37.98 13.02
C ASP B 300 12.22 -38.37 13.42
N ASP B 301 12.34 -39.05 14.55
CA ASP B 301 13.63 -39.28 15.20
C ASP B 301 14.29 -37.93 15.54
N GLU B 302 13.59 -37.19 16.40
CA GLU B 302 13.95 -35.80 16.70
C GLU B 302 15.18 -35.79 17.61
N THR B 303 16.35 -35.70 16.98
CA THR B 303 17.60 -35.58 17.71
C THR B 303 18.07 -34.13 17.70
N GLU B 304 18.67 -33.72 18.81
CA GLU B 304 19.21 -32.37 18.94
C GLU B 304 20.40 -32.21 18.01
N VAL B 305 20.48 -31.06 17.36
CA VAL B 305 21.59 -30.72 16.48
C VAL B 305 22.20 -29.41 16.98
N LEU B 306 23.51 -29.42 17.19
CA LEU B 306 24.19 -28.31 17.83
C LEU B 306 24.32 -27.13 16.87
N LYS B 307 24.69 -25.98 17.43
CA LYS B 307 24.99 -24.82 16.60
C LYS B 307 26.14 -25.10 15.66
N GLU B 308 27.20 -25.74 16.17
CA GLU B 308 28.31 -26.16 15.33
C GLU B 308 27.89 -27.19 14.29
N ASP B 309 26.76 -27.84 14.48
CA ASP B 309 26.22 -28.81 13.53
C ASP B 309 25.29 -28.16 12.51
N ILE B 310 25.17 -26.84 12.53
CA ILE B 310 24.21 -26.12 11.71
C ILE B 310 24.96 -25.05 10.93
N ILE B 311 24.75 -24.99 9.62
CA ILE B 311 25.38 -24.01 8.77
C ILE B 311 24.34 -23.34 7.89
N GLN B 312 24.78 -22.32 7.18
CA GLN B 312 23.89 -21.34 6.59
C GLN B 312 23.69 -21.68 5.12
N GLY B 313 22.47 -22.09 4.76
CA GLY B 313 22.22 -22.64 3.43
C GLY B 313 20.94 -22.17 2.76
N PHE B 314 20.92 -22.17 1.43
CA PHE B 314 19.78 -21.70 0.66
C PHE B 314 19.16 -22.84 -0.14
N ARG B 315 17.88 -22.71 -0.44
CA ARG B 315 17.20 -23.64 -1.31
C ARG B 315 17.20 -23.13 -2.74
N TYR B 316 16.93 -24.04 -3.67
CA TYR B 316 16.86 -23.69 -5.10
C TYR B 316 16.00 -24.75 -5.78
N GLY B 317 14.72 -24.46 -5.92
CA GLY B 317 13.82 -25.43 -6.50
C GLY B 317 13.87 -26.73 -5.73
N SER B 318 14.52 -27.74 -6.31
CA SER B 318 14.77 -29.00 -5.62
C SER B 318 16.16 -29.08 -5.01
N ASP B 319 17.18 -28.64 -5.75
CA ASP B 319 18.54 -28.71 -5.25
C ASP B 319 18.71 -27.79 -4.04
N ILE B 320 19.87 -27.86 -3.43
CA ILE B 320 20.18 -27.12 -2.20
C ILE B 320 21.63 -26.68 -2.27
N VAL B 321 21.94 -25.59 -1.59
CA VAL B 321 23.31 -25.07 -1.59
C VAL B 321 23.72 -24.76 -0.15
N PRO B 322 24.97 -25.01 0.25
CA PRO B 322 25.45 -24.52 1.53
C PRO B 322 26.10 -23.15 1.41
N PHE B 323 26.41 -22.57 2.56
CA PHE B 323 27.07 -21.28 2.56
C PHE B 323 27.59 -20.94 3.96
N ASP B 327 35.01 -14.71 0.92
CA ASP B 327 34.40 -14.95 -0.39
C ASP B 327 32.90 -15.13 -0.24
N GLU B 328 32.50 -16.25 0.38
CA GLU B 328 31.09 -16.56 0.58
C GLU B 328 30.36 -15.40 1.24
N GLU B 329 30.81 -15.00 2.44
CA GLU B 329 30.18 -13.87 3.11
C GLU B 329 30.39 -12.57 2.34
N GLN B 330 31.45 -12.48 1.54
CA GLN B 330 31.82 -11.24 0.87
C GLN B 330 31.31 -11.14 -0.56
N MET B 331 30.65 -12.17 -1.08
CA MET B 331 30.08 -12.12 -2.42
C MET B 331 28.70 -11.49 -2.45
N LYS B 332 28.35 -10.71 -1.42
CA LYS B 332 27.12 -9.96 -1.43
C LYS B 332 27.14 -8.95 -2.58
N TYR B 333 25.95 -8.72 -3.16
CA TYR B 333 25.77 -7.75 -4.23
C TYR B 333 26.34 -6.39 -3.83
N LYS B 334 26.66 -5.55 -4.81
CA LYS B 334 27.16 -4.21 -4.57
C LYS B 334 26.35 -3.19 -5.34
N SER B 335 26.15 -2.02 -4.75
CA SER B 335 25.52 -0.89 -5.41
C SER B 335 26.52 0.26 -5.50
N GLU B 336 26.16 1.27 -6.30
CA GLU B 336 27.06 2.38 -6.59
C GLU B 336 26.76 3.61 -5.75
N GLY B 337 26.31 3.42 -4.51
CA GLY B 337 26.10 4.53 -3.61
C GLY B 337 24.74 5.19 -3.79
N LYS B 338 24.42 6.08 -2.85
CA LYS B 338 23.17 6.82 -2.86
C LYS B 338 23.00 7.56 -4.17
N CYS B 339 21.93 7.26 -4.89
CA CYS B 339 21.73 7.80 -6.23
C CYS B 339 20.25 7.99 -6.49
N PHE B 340 19.91 9.10 -7.14
CA PHE B 340 18.55 9.43 -7.53
C PHE B 340 18.50 9.75 -9.01
N SER B 341 19.13 8.92 -9.82
CA SER B 341 19.27 9.20 -11.24
C SER B 341 18.07 8.71 -12.03
N VAL B 342 18.01 9.13 -13.29
CA VAL B 342 16.85 8.90 -14.15
C VAL B 342 17.08 7.69 -15.04
N LEU B 343 15.99 7.09 -15.50
CA LEU B 343 16.05 6.19 -16.65
C LEU B 343 15.52 6.90 -17.89
N GLY B 344 14.26 7.31 -17.86
CA GLY B 344 13.70 7.98 -19.02
C GLY B 344 12.23 8.26 -18.81
N PHE B 345 11.80 9.38 -19.37
CA PHE B 345 10.50 9.95 -19.09
C PHE B 345 9.45 9.28 -19.97
N CYS B 346 8.22 9.18 -19.47
CA CYS B 346 7.20 8.50 -20.24
C CYS B 346 5.82 9.05 -19.91
N LYS B 347 4.90 8.89 -20.86
CA LYS B 347 3.54 9.39 -20.71
C LYS B 347 2.96 9.00 -19.36
N SER B 348 2.20 9.91 -18.76
CA SER B 348 1.59 9.66 -17.48
C SER B 348 0.37 8.77 -17.58
N SER B 349 0.06 8.24 -18.77
CA SER B 349 -1.02 7.28 -18.94
C SER B 349 -0.52 5.85 -18.99
N GLN B 350 0.78 5.63 -18.81
CA GLN B 350 1.36 4.31 -18.75
C GLN B 350 1.95 3.97 -17.41
N VAL B 351 2.29 4.97 -16.59
CA VAL B 351 2.66 4.73 -15.20
C VAL B 351 1.34 4.74 -14.43
N GLN B 352 0.63 3.62 -14.50
CA GLN B 352 -0.64 3.54 -13.80
C GLN B 352 -0.37 3.57 -12.31
N ARG B 353 -1.44 3.57 -11.52
CA ARG B 353 -1.28 3.63 -10.07
C ARG B 353 -1.40 2.27 -9.43
N ARG B 354 -2.06 1.33 -10.07
CA ARG B 354 -2.14 -0.01 -9.51
C ARG B 354 -0.81 -0.72 -9.46
N PHE B 355 0.25 -0.11 -9.98
CA PHE B 355 1.60 -0.66 -9.98
C PHE B 355 2.52 0.17 -9.12
N PHE B 356 2.13 0.52 -7.91
CA PHE B 356 3.03 1.18 -6.98
C PHE B 356 3.42 0.19 -5.90
N MET B 357 4.66 0.30 -5.42
CA MET B 357 5.17 -0.54 -4.34
C MET B 357 5.70 0.36 -3.25
N GLY B 358 6.38 -0.25 -2.29
CA GLY B 358 7.00 0.49 -1.24
C GLY B 358 5.94 0.92 -0.27
N ASN B 359 6.27 0.96 1.00
CA ASN B 359 5.31 1.37 2.01
C ASN B 359 5.44 2.85 2.32
N GLN B 360 5.75 3.67 1.32
CA GLN B 360 5.97 5.09 1.56
C GLN B 360 5.68 5.87 0.28
N VAL B 361 5.87 7.18 0.37
CA VAL B 361 5.88 8.10 -0.75
C VAL B 361 6.87 9.18 -0.40
N LEU B 362 7.58 9.69 -1.39
CA LEU B 362 8.51 10.79 -1.13
C LEU B 362 8.07 12.02 -1.90
N LYS B 363 8.37 13.19 -1.37
CA LYS B 363 8.28 14.43 -2.11
C LYS B 363 9.69 14.98 -2.21
N VAL B 364 10.09 15.31 -3.43
CA VAL B 364 11.43 15.77 -3.73
C VAL B 364 11.36 17.25 -4.01
N PHE B 365 12.01 18.04 -3.16
CA PHE B 365 12.19 19.46 -3.33
C PHE B 365 13.59 19.74 -3.82
N ALA B 366 13.79 20.90 -4.41
CA ALA B 366 15.15 21.36 -4.61
C ALA B 366 15.71 21.81 -3.26
N ALA B 367 16.98 21.53 -3.05
CA ALA B 367 17.59 21.73 -1.75
C ALA B 367 17.38 23.15 -1.27
N ARG B 368 17.46 23.33 0.05
CA ARG B 368 17.36 24.67 0.61
C ARG B 368 18.63 25.45 0.34
N ASP B 369 18.50 26.77 0.28
CA ASP B 369 19.60 27.70 0.05
C ASP B 369 20.20 27.55 -1.34
N ASP B 370 19.49 26.91 -2.27
CA ASP B 370 19.94 26.72 -3.64
C ASP B 370 18.87 27.26 -4.57
N GLU B 371 18.91 28.56 -4.83
CA GLU B 371 17.93 29.17 -5.73
C GLU B 371 18.08 28.58 -7.13
N ALA B 372 19.31 28.42 -7.60
CA ALA B 372 19.50 27.88 -8.94
C ALA B 372 18.97 26.46 -9.04
N ALA B 373 19.23 25.65 -8.02
CA ALA B 373 18.70 24.29 -8.01
C ALA B 373 17.19 24.31 -8.04
N ALA B 374 16.59 25.24 -7.32
CA ALA B 374 15.13 25.39 -7.36
C ALA B 374 14.67 25.75 -8.76
N VAL B 375 15.39 26.63 -9.43
CA VAL B 375 15.02 26.99 -10.80
C VAL B 375 15.06 25.76 -11.69
N ALA B 376 16.13 24.97 -11.56
CA ALA B 376 16.26 23.78 -12.41
C ALA B 376 15.13 22.80 -12.15
N LEU B 377 14.88 22.48 -10.88
CA LEU B 377 13.84 21.50 -10.60
C LEU B 377 12.46 22.02 -10.96
N SER B 378 12.21 23.32 -10.78
CA SER B 378 10.93 23.87 -11.20
C SER B 378 10.76 23.76 -12.70
N SER B 379 11.83 24.02 -13.44
CA SER B 379 11.77 23.84 -14.88
C SER B 379 11.45 22.39 -15.22
N LEU B 380 12.09 21.45 -14.53
CA LEU B 380 11.86 20.05 -14.81
C LEU B 380 10.41 19.70 -14.55
N ILE B 381 9.88 20.17 -13.42
CA ILE B 381 8.52 19.85 -13.02
C ILE B 381 7.52 20.42 -14.01
N HIS B 382 7.72 21.68 -14.39
CA HIS B 382 6.76 22.32 -15.29
C HIS B 382 6.81 21.69 -16.67
N ALA B 383 8.01 21.36 -17.14
CA ALA B 383 8.11 20.68 -18.43
C ALA B 383 7.37 19.36 -18.39
N LEU B 384 7.55 18.62 -17.30
CA LEU B 384 6.84 17.34 -17.16
C LEU B 384 5.34 17.55 -17.17
N ASP B 385 4.87 18.56 -16.45
CA ASP B 385 3.43 18.73 -16.31
C ASP B 385 2.81 19.20 -17.63
N ASP B 386 3.46 20.14 -18.32
CA ASP B 386 2.94 20.61 -19.60
C ASP B 386 2.96 19.51 -20.64
N LEU B 387 4.08 18.79 -20.74
CA LEU B 387 4.15 17.68 -21.66
C LEU B 387 3.30 16.50 -21.22
N ASP B 388 2.78 16.52 -19.98
CA ASP B 388 1.87 15.50 -19.47
C ASP B 388 2.59 14.17 -19.26
N MET B 389 3.75 14.17 -18.61
CA MET B 389 4.49 12.92 -18.49
C MET B 389 5.60 12.98 -17.43
N VAL B 390 6.03 11.79 -16.99
CA VAL B 390 6.59 11.55 -15.66
C VAL B 390 7.93 10.84 -15.79
N ALA B 391 8.85 11.13 -14.87
CA ALA B 391 10.20 10.57 -14.90
C ALA B 391 10.15 9.17 -14.29
N ILE B 392 11.00 8.26 -14.75
CA ILE B 392 11.04 6.90 -14.19
C ILE B 392 12.43 6.73 -13.58
N VAL B 393 12.59 7.22 -12.37
CA VAL B 393 13.95 7.36 -11.83
C VAL B 393 14.40 6.09 -11.16
N ARG B 394 15.71 6.00 -10.89
CA ARG B 394 16.31 4.96 -10.06
C ARG B 394 16.76 5.58 -8.75
N TYR B 395 16.71 4.79 -7.69
CA TYR B 395 16.73 5.31 -6.33
C TYR B 395 17.37 4.27 -5.41
N ALA B 396 18.26 4.72 -4.54
CA ALA B 396 18.93 3.83 -3.60
C ALA B 396 19.27 4.62 -2.36
N TYR B 397 18.69 4.22 -1.22
CA TYR B 397 18.70 5.09 -0.04
C TYR B 397 20.13 5.44 0.37
N ASP B 398 20.99 4.44 0.50
CA ASP B 398 22.39 4.67 0.82
C ASP B 398 23.20 3.51 0.25
N LYS B 399 24.52 3.57 0.46
CA LYS B 399 25.40 2.58 -0.17
C LYS B 399 24.96 1.16 0.12
N ARG B 400 24.40 0.93 1.30
CA ARG B 400 23.98 -0.39 1.74
C ARG B 400 22.50 -0.64 1.50
N ALA B 401 21.94 -0.15 0.41
CA ALA B 401 20.51 -0.25 0.15
C ALA B 401 20.25 -1.00 -1.15
N ASN B 402 19.05 -1.57 -1.24
CA ASN B 402 18.63 -2.31 -2.42
C ASN B 402 18.09 -1.33 -3.45
N PRO B 403 18.73 -1.16 -4.60
CA PRO B 403 18.24 -0.18 -5.57
C PRO B 403 16.85 -0.54 -6.08
N GLN B 404 16.06 0.51 -6.35
CA GLN B 404 14.68 0.37 -6.79
C GLN B 404 14.37 1.44 -7.81
N VAL B 405 13.51 1.10 -8.77
CA VAL B 405 13.07 2.03 -9.80
C VAL B 405 11.67 2.50 -9.46
N GLY B 406 11.47 3.82 -9.44
CA GLY B 406 10.20 4.37 -9.06
C GLY B 406 9.86 5.59 -9.90
N VAL B 407 8.56 5.83 -10.05
CA VAL B 407 8.10 6.95 -10.86
C VAL B 407 8.18 8.21 -10.03
N ALA B 408 8.82 9.23 -10.58
CA ALA B 408 8.85 10.57 -10.01
C ALA B 408 8.01 11.45 -10.92
N PHE B 409 6.84 11.80 -10.46
CA PHE B 409 5.88 12.52 -11.27
C PHE B 409 5.56 13.89 -10.67
N PRO B 410 5.20 14.87 -11.51
CA PRO B 410 5.19 16.26 -11.05
C PRO B 410 4.05 16.52 -10.08
N HIS B 411 4.24 17.54 -9.25
CA HIS B 411 3.20 17.93 -8.32
C HIS B 411 3.42 19.39 -7.96
N ILE B 412 2.62 20.28 -8.52
CA ILE B 412 2.76 21.71 -8.29
C ILE B 412 1.56 22.19 -7.48
N LYS B 413 1.83 22.71 -6.30
CA LYS B 413 0.86 23.40 -5.48
C LYS B 413 1.12 24.89 -5.63
N HIS B 414 0.11 25.70 -5.33
CA HIS B 414 0.29 27.14 -5.35
C HIS B 414 1.40 27.57 -4.40
N ASN B 415 1.74 26.73 -3.42
CA ASN B 415 2.72 27.09 -2.42
C ASN B 415 4.09 26.47 -2.69
N TYR B 416 4.18 25.37 -3.42
CA TYR B 416 5.46 24.75 -3.66
C TYR B 416 5.32 23.74 -4.79
N GLU B 417 6.44 23.41 -5.41
CA GLU B 417 6.51 22.47 -6.52
C GLU B 417 7.44 21.36 -6.12
N CYS B 418 7.10 20.11 -6.46
CA CYS B 418 7.87 18.97 -6.02
C CYS B 418 7.64 17.81 -6.96
N LEU B 419 8.55 16.85 -6.88
CA LEU B 419 8.44 15.61 -7.63
C LEU B 419 8.04 14.53 -6.65
N VAL B 420 6.86 13.96 -6.83
CA VAL B 420 6.37 12.91 -5.96
C VAL B 420 6.93 11.60 -6.46
N TYR B 421 7.71 10.92 -5.62
CA TYR B 421 8.34 9.65 -5.93
C TYR B 421 7.52 8.53 -5.31
N VAL B 422 7.28 7.48 -6.09
CA VAL B 422 6.67 6.25 -5.59
C VAL B 422 7.35 5.07 -6.28
N GLN B 423 7.80 4.09 -5.52
CA GLN B 423 8.49 2.95 -6.13
C GLN B 423 7.53 2.17 -7.02
N LEU B 424 8.08 1.51 -8.03
CA LEU B 424 7.37 0.74 -9.04
C LEU B 424 7.78 -0.72 -8.96
N PRO B 425 7.01 -1.62 -9.55
CA PRO B 425 7.33 -3.03 -9.46
C PRO B 425 8.53 -3.41 -10.32
N PHE B 426 8.86 -4.69 -10.29
CA PHE B 426 9.73 -5.38 -11.24
C PHE B 426 8.93 -6.51 -11.86
N MET B 427 9.50 -7.19 -12.85
CA MET B 427 8.76 -8.27 -13.49
C MET B 427 8.50 -9.43 -12.54
N GLU B 428 9.40 -9.68 -11.59
CA GLU B 428 9.24 -10.74 -10.62
C GLU B 428 8.52 -10.29 -9.36
N ASP B 429 7.86 -9.13 -9.41
CA ASP B 429 6.90 -8.73 -8.41
C ASP B 429 5.48 -8.86 -8.88
N LEU B 430 5.20 -8.48 -10.12
CA LEU B 430 3.85 -8.55 -10.64
C LEU B 430 3.37 -9.99 -10.61
N ARG B 431 2.08 -10.17 -10.85
CA ARG B 431 1.55 -11.52 -10.92
C ARG B 431 0.37 -11.47 -11.89
N GLN B 432 0.67 -11.64 -13.16
CA GLN B 432 -0.36 -11.58 -14.18
C GLN B 432 -1.27 -12.78 -14.03
N TYR B 433 -2.52 -12.53 -13.66
CA TYR B 433 -3.53 -13.56 -13.65
C TYR B 433 -4.44 -13.31 -14.86
N MET B 434 -5.43 -14.17 -15.06
CA MET B 434 -6.39 -13.96 -16.14
C MET B 434 -7.79 -14.17 -15.60
N PHE B 435 -8.51 -13.07 -15.40
CA PHE B 435 -9.86 -13.07 -14.88
C PHE B 435 -10.84 -13.04 -16.04
N SER B 436 -11.89 -13.86 -15.96
CA SER B 436 -12.87 -13.90 -17.04
C SER B 436 -13.57 -12.56 -17.16
N SER B 437 -14.01 -12.24 -18.38
CA SER B 437 -14.65 -10.96 -18.62
C SER B 437 -16.02 -10.89 -17.97
N LEU B 438 -16.37 -9.70 -17.50
CA LEU B 438 -17.67 -9.40 -16.93
C LEU B 438 -18.61 -8.74 -17.92
N LYS B 439 -18.18 -7.63 -18.52
CA LYS B 439 -19.04 -6.90 -19.45
C LYS B 439 -19.44 -7.75 -20.63
N ASN B 440 -18.53 -8.58 -21.13
CA ASN B 440 -18.83 -9.46 -22.25
C ASN B 440 -19.64 -10.68 -21.83
N SER B 441 -19.82 -10.91 -20.54
CA SER B 441 -20.46 -12.13 -20.08
C SER B 441 -21.91 -12.19 -20.55
N LYS B 442 -22.45 -13.40 -20.58
CA LYS B 442 -23.80 -13.65 -21.07
C LYS B 442 -24.76 -14.10 -19.98
N LYS B 443 -24.27 -14.81 -18.96
CA LYS B 443 -25.16 -15.28 -17.91
C LYS B 443 -25.57 -14.13 -16.98
N TYR B 444 -24.96 -12.97 -17.11
CA TYR B 444 -25.25 -11.80 -16.29
C TYR B 444 -25.81 -10.67 -17.14
N ALA B 445 -26.72 -11.01 -18.05
CA ALA B 445 -27.19 -10.13 -19.13
C ALA B 445 -27.54 -8.74 -18.60
N PRO B 446 -27.42 -7.69 -19.43
CA PRO B 446 -27.70 -6.33 -18.96
C PRO B 446 -29.19 -6.07 -18.90
N THR B 447 -29.72 -6.03 -17.67
CA THR B 447 -31.11 -5.70 -17.49
C THR B 447 -31.29 -4.21 -17.20
N GLU B 448 -32.50 -3.73 -17.45
CA GLU B 448 -32.86 -2.38 -17.04
C GLU B 448 -32.67 -2.18 -15.55
N ALA B 449 -32.75 -3.27 -14.78
CA ALA B 449 -32.47 -3.20 -13.36
C ALA B 449 -31.06 -2.65 -13.11
N GLN B 450 -30.06 -3.20 -13.83
CA GLN B 450 -28.70 -2.67 -13.76
C GLN B 450 -28.75 -1.16 -13.73
N LEU B 451 -29.21 -0.57 -14.83
CA LEU B 451 -29.22 0.87 -14.98
C LEU B 451 -29.99 1.54 -13.87
N ASN B 452 -31.31 1.34 -13.83
CA ASN B 452 -32.14 2.15 -12.96
C ASN B 452 -31.70 2.02 -11.52
N ALA B 453 -31.63 0.79 -11.01
CA ALA B 453 -31.37 0.62 -9.59
C ALA B 453 -30.00 1.14 -9.21
N VAL B 454 -28.94 0.67 -9.88
CA VAL B 454 -27.63 0.99 -9.38
C VAL B 454 -27.32 2.47 -9.63
N ASP B 455 -27.88 3.03 -10.70
CA ASP B 455 -27.69 4.45 -10.94
C ASP B 455 -28.35 5.28 -9.85
N ALA B 456 -29.57 4.93 -9.46
CA ALA B 456 -30.20 5.65 -8.37
C ALA B 456 -29.38 5.54 -7.09
N LEU B 457 -28.89 4.34 -6.81
CA LEU B 457 -28.06 4.16 -5.61
C LEU B 457 -26.84 5.06 -5.67
N ILE B 458 -26.18 5.12 -6.82
CA ILE B 458 -24.95 5.90 -6.90
C ILE B 458 -25.24 7.38 -6.76
N ASP B 459 -26.31 7.85 -7.41
CA ASP B 459 -26.67 9.25 -7.26
C ASP B 459 -27.01 9.57 -5.82
N SER B 460 -27.50 8.59 -5.06
CA SER B 460 -27.82 8.86 -3.67
C SER B 460 -26.56 9.02 -2.83
N MET B 461 -25.70 8.01 -2.79
CA MET B 461 -24.63 7.97 -1.81
C MET B 461 -23.47 8.87 -2.13
N SER B 462 -23.56 9.77 -3.09
CA SER B 462 -22.41 10.60 -3.41
C SER B 462 -21.91 11.33 -2.19
N LEU B 463 -20.59 11.27 -1.95
CA LEU B 463 -19.96 12.02 -0.89
C LEU B 463 -19.37 13.32 -1.39
N ALA B 464 -19.65 13.69 -2.63
CA ALA B 464 -19.23 14.96 -3.19
C ALA B 464 -20.46 15.75 -3.59
N LYS B 465 -20.40 17.05 -3.35
CA LYS B 465 -21.44 17.96 -3.81
C LYS B 465 -20.78 19.18 -4.42
N LYS B 466 -21.38 19.69 -5.50
CA LYS B 466 -20.87 20.92 -6.10
C LYS B 466 -21.16 22.07 -5.16
N ASP B 467 -20.14 22.87 -4.84
CA ASP B 467 -20.23 23.80 -3.73
C ASP B 467 -21.21 24.93 -4.05
N GLU B 468 -21.30 25.90 -3.12
CA GLU B 468 -22.25 27.00 -3.25
C GLU B 468 -22.13 27.67 -4.61
N LYS B 469 -20.91 28.01 -5.00
CA LYS B 469 -20.64 28.27 -6.40
C LYS B 469 -20.89 26.95 -7.12
N THR B 470 -21.92 26.89 -7.96
CA THR B 470 -22.39 25.62 -8.51
C THR B 470 -21.33 24.82 -9.26
N ASP B 471 -20.17 25.43 -9.54
CA ASP B 471 -19.14 24.76 -10.33
C ASP B 471 -18.24 23.81 -9.54
N THR B 472 -17.54 24.29 -8.51
CA THR B 472 -16.48 23.53 -7.87
C THR B 472 -17.06 22.46 -6.95
N LEU B 473 -16.23 21.46 -6.64
CA LEU B 473 -16.67 20.24 -5.97
C LEU B 473 -16.04 20.14 -4.59
N GLU B 474 -16.88 20.15 -3.56
CA GLU B 474 -16.46 19.79 -2.22
C GLU B 474 -16.77 18.33 -1.98
N ASP B 475 -16.02 17.72 -1.07
CA ASP B 475 -16.25 16.34 -0.65
C ASP B 475 -16.84 16.37 0.75
N LEU B 476 -17.97 15.69 0.92
CA LEU B 476 -18.63 15.70 2.21
C LEU B 476 -17.74 15.09 3.28
N PHE B 477 -17.08 13.98 2.96
CA PHE B 477 -16.50 13.08 3.95
C PHE B 477 -15.02 12.87 3.60
N PRO B 478 -14.15 13.79 3.98
CA PRO B 478 -12.74 13.70 3.57
C PRO B 478 -11.91 12.72 4.39
N THR B 479 -12.01 11.46 4.03
CA THR B 479 -11.42 10.38 4.80
C THR B 479 -9.94 10.23 4.64
N THR B 480 -9.24 11.21 4.09
CA THR B 480 -7.79 11.28 4.19
C THR B 480 -7.37 12.23 5.27
N LYS B 481 -8.30 12.61 6.14
CA LYS B 481 -8.10 13.67 7.12
C LYS B 481 -8.43 13.26 8.53
N ILE B 482 -9.23 12.21 8.72
CA ILE B 482 -9.49 11.58 10.01
C ILE B 482 -8.15 11.12 10.56
N PRO B 483 -7.92 11.11 11.86
CA PRO B 483 -6.79 10.38 12.40
C PRO B 483 -7.17 8.93 12.64
N ASN B 484 -6.14 8.10 12.81
CA ASN B 484 -6.35 6.67 12.81
C ASN B 484 -7.17 6.26 14.04
N PRO B 485 -8.30 5.58 13.89
CA PRO B 485 -9.07 5.20 15.06
C PRO B 485 -8.35 4.28 16.03
N ARG B 486 -7.47 3.38 15.56
CA ARG B 486 -6.84 2.46 16.48
C ARG B 486 -5.99 3.18 17.51
N PHE B 487 -5.46 4.35 17.20
CA PHE B 487 -4.66 5.04 18.19
C PHE B 487 -5.50 5.53 19.36
N GLN B 488 -6.63 6.19 19.10
CA GLN B 488 -7.44 6.63 20.23
C GLN B 488 -8.14 5.47 20.91
N ARG B 489 -8.51 4.42 20.18
CA ARG B 489 -9.03 3.24 20.86
C ARG B 489 -7.99 2.67 21.82
N LEU B 490 -6.78 2.43 21.35
CA LEU B 490 -5.73 1.91 22.21
C LEU B 490 -5.49 2.83 23.39
N PHE B 491 -5.47 4.15 23.14
CA PHE B 491 -5.10 5.05 24.22
C PHE B 491 -6.22 5.16 25.24
N GLN B 492 -7.47 5.16 24.80
CA GLN B 492 -8.57 5.06 25.74
C GLN B 492 -8.41 3.84 26.62
N CYS B 493 -8.15 2.68 26.02
CA CYS B 493 -8.13 1.46 26.82
C CYS B 493 -6.96 1.44 27.79
N LEU B 494 -5.78 1.87 27.35
CA LEU B 494 -4.66 1.95 28.28
C LEU B 494 -4.97 2.90 29.42
N LEU B 495 -5.54 4.06 29.11
CA LEU B 495 -5.89 5.01 30.16
C LEU B 495 -6.89 4.40 31.12
N HIS B 496 -7.89 3.71 30.59
CA HIS B 496 -8.94 3.13 31.43
C HIS B 496 -8.35 2.11 32.40
N ARG B 497 -7.44 1.27 31.92
CA ARG B 497 -6.80 0.31 32.81
C ARG B 497 -5.83 0.97 33.76
N ALA B 498 -5.36 2.17 33.46
CA ALA B 498 -4.55 2.92 34.41
C ALA B 498 -5.39 3.70 35.40
N LEU B 499 -6.71 3.79 35.19
CA LEU B 499 -7.60 4.49 36.11
C LEU B 499 -8.66 3.61 36.74
N HIS B 500 -8.90 2.43 36.19
CA HIS B 500 -9.93 1.50 36.70
C HIS B 500 -9.40 0.09 36.66
N PRO B 501 -8.38 -0.23 37.47
CA PRO B 501 -7.67 -1.49 37.28
C PRO B 501 -8.55 -2.72 37.41
N ARG B 502 -9.70 -2.61 38.05
CA ARG B 502 -10.54 -3.76 38.36
C ARG B 502 -11.65 -3.99 37.35
N GLU B 503 -11.71 -3.23 36.27
CA GLU B 503 -12.91 -3.19 35.46
C GLU B 503 -12.61 -3.49 34.00
N PRO B 504 -13.59 -4.00 33.24
CA PRO B 504 -13.32 -4.37 31.86
C PRO B 504 -13.15 -3.14 30.98
N LEU B 505 -12.67 -3.37 29.76
CA LEU B 505 -12.46 -2.28 28.83
C LEU B 505 -13.79 -1.67 28.41
N PRO B 506 -13.84 -0.37 28.16
CA PRO B 506 -15.09 0.23 27.70
C PRO B 506 -15.36 -0.11 26.25
N PRO B 507 -16.59 0.06 25.78
CA PRO B 507 -16.83 -0.01 24.34
C PRO B 507 -16.26 1.22 23.65
N ILE B 508 -16.26 1.20 22.32
CA ILE B 508 -15.65 2.29 21.58
C ILE B 508 -16.48 3.55 21.78
N GLN B 509 -15.80 4.68 22.00
CA GLN B 509 -16.48 5.94 22.19
C GLN B 509 -17.36 6.28 20.99
N GLN B 510 -18.19 7.31 21.12
CA GLN B 510 -19.08 7.71 20.04
C GLN B 510 -18.53 8.77 19.11
N HIS B 511 -17.64 9.65 19.54
CA HIS B 511 -17.06 10.49 18.52
C HIS B 511 -16.19 9.68 17.58
N ILE B 512 -15.68 8.54 18.02
CA ILE B 512 -14.98 7.65 17.10
C ILE B 512 -15.96 6.97 16.17
N TRP B 513 -16.84 6.13 16.70
CA TRP B 513 -17.81 5.48 15.81
C TRP B 513 -18.58 6.46 14.92
N ASN B 514 -18.58 7.75 15.22
CA ASN B 514 -19.18 8.74 14.33
C ASN B 514 -18.20 9.26 13.29
N MET B 515 -16.96 9.54 13.69
CA MET B 515 -15.98 10.05 12.76
C MET B 515 -15.46 8.97 11.82
N LEU B 516 -15.97 7.75 11.91
CA LEU B 516 -15.70 6.70 10.95
C LEU B 516 -16.99 6.26 10.26
N ASN B 517 -17.84 7.22 9.93
CA ASN B 517 -19.12 6.91 9.31
C ASN B 517 -19.50 8.02 8.35
N PRO B 518 -20.31 7.74 7.35
CA PRO B 518 -20.67 8.76 6.39
C PRO B 518 -21.62 9.76 7.04
N PRO B 519 -21.67 11.00 6.55
CA PRO B 519 -22.69 11.93 7.06
C PRO B 519 -24.08 11.31 6.99
N ALA B 520 -24.90 11.54 8.01
CA ALA B 520 -26.20 10.87 8.07
C ALA B 520 -27.07 11.22 6.86
N GLU B 521 -26.76 12.35 6.21
CA GLU B 521 -27.47 12.71 4.99
C GLU B 521 -27.37 11.60 3.96
N VAL B 522 -26.19 10.99 3.86
CA VAL B 522 -25.97 9.92 2.89
C VAL B 522 -26.89 8.75 3.16
N THR B 523 -26.88 8.29 4.41
CA THR B 523 -27.70 7.14 4.77
C THR B 523 -29.17 7.43 4.53
N THR B 524 -29.63 8.61 4.96
CA THR B 524 -31.04 8.94 4.82
C THR B 524 -31.46 8.97 3.36
N LYS B 525 -30.65 9.61 2.51
CA LYS B 525 -30.98 9.65 1.09
C LYS B 525 -30.90 8.28 0.44
N SER B 526 -30.04 7.40 0.94
CA SER B 526 -29.84 6.08 0.32
C SER B 526 -30.80 5.03 0.81
N GLN B 527 -31.60 5.31 1.84
CA GLN B 527 -32.46 4.29 2.42
C GLN B 527 -33.30 3.56 1.37
N ILE B 528 -33.86 4.28 0.41
CA ILE B 528 -34.85 3.68 -0.49
C ILE B 528 -34.17 2.91 -1.63
N PRO B 529 -33.13 3.45 -2.28
CA PRO B 529 -32.46 2.66 -3.32
C PRO B 529 -31.97 1.31 -2.83
N LEU B 530 -31.46 1.25 -1.60
CA LEU B 530 -31.00 -0.03 -1.06
C LEU B 530 -32.16 -1.01 -1.00
N SER B 531 -33.33 -0.55 -0.57
CA SER B 531 -34.49 -1.44 -0.56
C SER B 531 -34.83 -1.91 -1.95
N LYS B 532 -34.76 -1.01 -2.94
CA LYS B 532 -35.01 -1.43 -4.31
C LYS B 532 -34.05 -2.53 -4.71
N ILE B 533 -32.76 -2.36 -4.41
CA ILE B 533 -31.77 -3.37 -4.77
C ILE B 533 -32.11 -4.71 -4.13
N LYS B 534 -32.38 -4.70 -2.83
CA LYS B 534 -32.67 -5.94 -2.14
C LYS B 534 -33.90 -6.63 -2.71
N THR B 535 -34.89 -5.86 -3.16
CA THR B 535 -36.05 -6.48 -3.77
C THR B 535 -35.75 -7.01 -5.17
N LEU B 536 -34.77 -6.41 -5.85
CA LEU B 536 -34.64 -6.61 -7.29
C LEU B 536 -33.46 -7.50 -7.66
N PHE B 537 -32.39 -7.52 -6.86
CA PHE B 537 -31.21 -8.31 -7.17
C PHE B 537 -31.17 -9.51 -6.23
N PRO B 538 -31.83 -10.62 -6.54
CA PRO B 538 -31.91 -11.72 -5.56
C PRO B 538 -30.55 -12.31 -5.26
N LEU B 539 -30.18 -12.30 -3.97
CA LEU B 539 -29.00 -12.98 -3.47
C LEU B 539 -29.45 -14.13 -2.58
N ILE B 540 -28.79 -15.27 -2.70
CA ILE B 540 -29.05 -16.39 -1.81
C ILE B 540 -27.77 -17.18 -1.64
N GLU B 541 -27.37 -17.40 -0.38
CA GLU B 541 -26.17 -18.17 -0.12
C GLU B 541 -26.47 -19.67 -0.27
N ALA B 542 -25.40 -20.45 -0.42
CA ALA B 542 -25.53 -21.89 -0.59
C ALA B 542 -25.89 -22.57 0.73
#